data_1CB1
#
_entry.id   1CB1
#
_cell.length_a   1.000
_cell.length_b   1.000
_cell.length_c   1.000
_cell.angle_alpha   90.00
_cell.angle_beta   90.00
_cell.angle_gamma   90.00
#
_symmetry.space_group_name_H-M   'P 1'
#
_entity_poly.entity_id   1
_entity_poly.type   'polypeptide(L)'
_entity_poly.pdbx_seq_one_letter_code
;SAQKSPAELKSIFEKYAAKEGDPNQLSKEELKQLIQAEFPSLLKGPRTLDDLFQELDKNGDGEVSFEEFQVLVKKISQ
;
_entity_poly.pdbx_strand_id   A
#
# COMPACT_ATOMS: atom_id res chain seq x y z
N SER A 1 -7.46 9.12 9.08
CA SER A 1 -8.12 9.16 10.40
C SER A 1 -8.70 7.77 10.60
N ALA A 2 -9.84 7.62 11.28
CA ALA A 2 -10.52 6.33 11.41
C ALA A 2 -10.64 5.75 10.00
N GLN A 3 -11.14 6.60 9.10
CA GLN A 3 -11.18 6.36 7.67
C GLN A 3 -9.95 7.10 7.15
N LYS A 4 -9.28 6.55 6.14
CA LYS A 4 -8.05 7.09 5.63
C LYS A 4 -8.35 7.91 4.37
N SER A 5 -7.88 9.16 4.37
CA SER A 5 -8.06 10.10 3.27
C SER A 5 -7.04 9.82 2.16
N PRO A 6 -7.37 10.12 0.90
CA PRO A 6 -6.43 9.91 -0.20
C PRO A 6 -5.14 10.68 0.05
N ALA A 7 -5.24 11.97 0.37
CA ALA A 7 -4.07 12.81 0.64
C ALA A 7 -3.19 12.24 1.75
N GLU A 8 -3.84 11.71 2.78
CA GLU A 8 -3.20 11.11 3.93
C GLU A 8 -2.39 9.90 3.44
N LEU A 9 -3.07 8.96 2.76
CA LEU A 9 -2.43 7.77 2.23
C LEU A 9 -1.30 8.09 1.26
N LYS A 10 -1.52 9.12 0.46
CA LYS A 10 -0.55 9.60 -0.51
C LYS A 10 0.69 10.07 0.25
N SER A 11 0.51 10.94 1.25
CA SER A 11 1.61 11.45 2.06
C SER A 11 2.40 10.30 2.69
N ILE A 12 1.70 9.39 3.36
CA ILE A 12 2.33 8.24 4.01
C ILE A 12 3.08 7.42 2.95
N PHE A 13 2.41 7.10 1.84
CA PHE A 13 2.98 6.35 0.74
C PHE A 13 4.29 7.00 0.29
N GLU A 14 4.27 8.32 0.01
CA GLU A 14 5.45 9.05 -0.40
C GLU A 14 6.54 8.89 0.65
N LYS A 15 6.17 9.04 1.92
CA LYS A 15 7.10 8.89 3.04
C LYS A 15 7.78 7.51 3.01
N TYR A 16 7.00 6.47 2.69
CA TYR A 16 7.51 5.10 2.62
C TYR A 16 8.38 4.92 1.38
N ALA A 17 7.81 5.17 0.20
CA ALA A 17 8.50 5.02 -1.07
C ALA A 17 9.82 5.78 -1.08
N ALA A 18 9.86 6.99 -0.51
CA ALA A 18 11.09 7.76 -0.46
C ALA A 18 12.22 7.06 0.32
N LYS A 19 11.94 5.99 1.06
CA LYS A 19 12.98 5.23 1.76
C LYS A 19 13.83 4.49 0.73
N GLU A 20 13.23 4.09 -0.40
CA GLU A 20 13.92 3.38 -1.47
C GLU A 20 14.36 4.38 -2.54
N GLY A 21 15.23 3.93 -3.44
CA GLY A 21 15.80 4.76 -4.50
C GLY A 21 14.77 5.58 -5.27
N ASP A 22 13.65 4.95 -5.66
CA ASP A 22 12.61 5.59 -6.45
C ASP A 22 11.40 5.96 -5.57
N PRO A 23 11.14 7.26 -5.31
CA PRO A 23 9.99 7.70 -4.52
C PRO A 23 8.70 7.58 -5.35
N ASN A 24 8.38 6.35 -5.79
CA ASN A 24 7.21 6.05 -6.63
C ASN A 24 6.55 4.71 -6.29
N GLN A 25 7.22 3.81 -5.57
CA GLN A 25 6.68 2.52 -5.20
C GLN A 25 7.07 2.18 -3.79
N LEU A 26 6.46 1.12 -3.24
CA LEU A 26 6.94 0.53 -2.02
C LEU A 26 7.25 -0.94 -2.31
N SER A 27 8.40 -1.40 -1.84
CA SER A 27 8.81 -2.79 -1.95
C SER A 27 7.94 -3.61 -0.99
N LYS A 28 7.99 -4.93 -1.09
CA LYS A 28 7.24 -5.84 -0.21
C LYS A 28 7.34 -5.46 1.26
N GLU A 29 8.56 -5.29 1.74
CA GLU A 29 8.84 -4.91 3.12
C GLU A 29 8.08 -3.63 3.49
N GLU A 30 8.18 -2.61 2.64
CA GLU A 30 7.54 -1.32 2.90
C GLU A 30 6.02 -1.47 2.85
N LEU A 31 5.48 -2.17 1.85
CA LEU A 31 4.04 -2.37 1.72
C LEU A 31 3.51 -3.07 2.96
N LYS A 32 4.18 -4.15 3.37
CA LYS A 32 3.83 -4.91 4.56
C LYS A 32 3.72 -3.94 5.73
N GLN A 33 4.77 -3.15 5.95
CA GLN A 33 4.75 -2.18 7.04
C GLN A 33 3.54 -1.26 6.89
N LEU A 34 3.30 -0.72 5.69
CA LEU A 34 2.13 0.12 5.45
C LEU A 34 0.84 -0.56 5.92
N ILE A 35 0.68 -1.81 5.53
CA ILE A 35 -0.49 -2.62 5.90
C ILE A 35 -0.61 -2.65 7.42
N GLN A 36 0.51 -2.98 8.06
CA GLN A 36 0.59 -3.03 9.51
C GLN A 36 0.13 -1.69 10.12
N ALA A 37 0.61 -0.57 9.56
CA ALA A 37 0.28 0.76 10.04
C ALA A 37 -1.20 1.10 9.86
N GLU A 38 -1.77 0.84 8.68
CA GLU A 38 -3.16 1.20 8.39
C GLU A 38 -4.17 0.25 9.07
N PHE A 39 -3.90 -1.04 9.11
CA PHE A 39 -4.77 -2.04 9.70
C PHE A 39 -4.00 -3.35 9.90
N PRO A 40 -3.45 -3.61 11.10
CA PRO A 40 -2.61 -4.76 11.38
C PRO A 40 -3.34 -6.11 11.33
N SER A 41 -3.70 -6.54 10.13
CA SER A 41 -4.35 -7.80 9.83
C SER A 41 -5.72 -7.95 10.50
N LEU A 42 -6.34 -6.86 10.98
CA LEU A 42 -7.67 -6.90 11.59
C LEU A 42 -8.75 -6.92 10.50
N LEU A 43 -8.47 -7.59 9.38
CA LEU A 43 -9.32 -7.65 8.21
C LEU A 43 -10.43 -8.69 8.44
N LYS A 44 -11.34 -8.39 9.35
CA LYS A 44 -12.48 -9.25 9.69
C LYS A 44 -13.51 -9.24 8.55
N GLY A 45 -13.13 -9.78 7.39
CA GLY A 45 -13.95 -9.86 6.19
C GLY A 45 -13.02 -9.99 4.99
N PRO A 46 -12.46 -8.89 4.46
CA PRO A 46 -11.55 -8.90 3.33
C PRO A 46 -10.17 -9.38 3.80
N ARG A 47 -10.09 -10.63 4.27
CA ARG A 47 -8.91 -11.28 4.84
C ARG A 47 -7.60 -11.11 4.07
N THR A 48 -7.64 -10.82 2.76
CA THR A 48 -6.48 -10.64 1.94
C THR A 48 -5.47 -9.65 2.51
N LEU A 49 -4.35 -10.20 2.99
CA LEU A 49 -3.20 -9.41 3.37
C LEU A 49 -2.31 -9.37 2.11
N ASP A 50 -2.09 -10.55 1.49
CA ASP A 50 -1.21 -10.72 0.34
C ASP A 50 -1.82 -10.85 -1.06
N ASP A 51 -3.00 -11.43 -1.23
CA ASP A 51 -3.61 -11.52 -2.55
C ASP A 51 -3.56 -10.15 -3.27
N LEU A 52 -3.87 -9.07 -2.55
CA LEU A 52 -3.87 -7.71 -3.09
C LEU A 52 -2.46 -7.26 -3.45
N PHE A 53 -1.45 -7.74 -2.70
CA PHE A 53 -0.08 -7.41 -2.99
C PHE A 53 0.22 -8.06 -4.32
N GLN A 54 0.05 -9.37 -4.41
CA GLN A 54 0.34 -10.10 -5.63
C GLN A 54 -0.35 -9.50 -6.85
N GLU A 55 -1.66 -9.23 -6.76
CA GLU A 55 -2.41 -8.60 -7.86
C GLU A 55 -1.75 -7.30 -8.33
N LEU A 56 -0.96 -6.63 -7.49
CA LEU A 56 -0.30 -5.37 -7.75
C LEU A 56 1.24 -5.47 -7.65
N ASP A 57 1.81 -6.67 -7.58
CA ASP A 57 3.24 -6.89 -7.39
C ASP A 57 4.11 -6.55 -8.59
N LYS A 58 4.22 -5.26 -8.91
CA LYS A 58 5.15 -4.80 -9.93
C LYS A 58 6.54 -4.78 -9.27
N ASN A 59 7.59 -4.40 -10.02
CA ASN A 59 8.95 -4.36 -9.49
C ASN A 59 9.81 -3.43 -10.35
N GLY A 60 9.69 -2.12 -10.11
CA GLY A 60 10.48 -1.12 -10.81
C GLY A 60 11.80 -0.99 -10.06
N ASP A 61 11.70 -0.45 -8.84
CA ASP A 61 12.79 -0.27 -7.88
C ASP A 61 12.40 -1.05 -6.63
N GLY A 62 11.19 -0.81 -6.10
CA GLY A 62 10.68 -1.52 -4.95
C GLY A 62 9.73 -2.57 -5.47
N GLU A 63 8.43 -2.39 -5.19
CA GLU A 63 7.38 -3.31 -5.61
C GLU A 63 6.20 -2.60 -6.25
N VAL A 64 5.22 -2.31 -5.41
CA VAL A 64 3.92 -1.77 -5.80
C VAL A 64 4.04 -0.26 -6.02
N SER A 65 3.80 0.17 -7.26
CA SER A 65 3.88 1.56 -7.69
C SER A 65 2.70 2.37 -7.18
N PHE A 66 2.81 3.71 -7.20
CA PHE A 66 1.67 4.56 -6.83
C PHE A 66 0.48 4.22 -7.74
N GLU A 67 0.77 4.05 -9.02
CA GLU A 67 -0.19 3.69 -10.06
C GLU A 67 -1.02 2.49 -9.61
N GLU A 68 -0.36 1.37 -9.28
CA GLU A 68 -1.05 0.16 -8.86
C GLU A 68 -1.65 0.32 -7.46
N PHE A 69 -0.85 0.85 -6.53
CA PHE A 69 -1.19 1.11 -5.13
C PHE A 69 -2.57 1.74 -4.97
N GLN A 70 -2.97 2.64 -5.87
CA GLN A 70 -4.29 3.25 -5.79
C GLN A 70 -5.41 2.18 -5.65
N VAL A 71 -5.25 1.00 -6.27
CA VAL A 71 -6.23 -0.08 -6.14
C VAL A 71 -6.26 -0.58 -4.69
N LEU A 72 -5.10 -0.60 -4.04
CA LEU A 72 -4.95 -1.02 -2.65
C LEU A 72 -5.68 0.02 -1.80
N VAL A 73 -5.25 1.28 -1.94
CA VAL A 73 -5.80 2.47 -1.29
C VAL A 73 -7.33 2.39 -1.22
N LYS A 74 -7.98 2.16 -2.36
CA LYS A 74 -9.44 2.07 -2.43
C LYS A 74 -10.05 1.17 -1.34
N LYS A 75 -9.35 0.09 -0.97
CA LYS A 75 -9.83 -0.87 0.02
C LYS A 75 -9.39 -0.54 1.46
N ILE A 76 -8.51 0.44 1.67
CA ILE A 76 -8.05 0.79 3.01
C ILE A 76 -9.25 1.24 3.85
N SER A 77 -9.88 2.33 3.41
CA SER A 77 -11.06 2.88 4.06
C SER A 77 -12.25 2.00 3.73
N GLN A 78 -13.11 1.74 4.71
CA GLN A 78 -14.24 0.84 4.58
C GLN A 78 -15.16 0.98 5.79
N SER A 1 -10.75 16.01 4.25
CA SER A 1 -11.17 17.32 4.78
C SER A 1 -9.95 18.08 5.30
N ALA A 2 -10.15 19.26 5.91
CA ALA A 2 -9.07 20.07 6.48
C ALA A 2 -8.15 19.17 7.30
N GLN A 3 -8.76 18.36 8.16
CA GLN A 3 -8.09 17.35 8.95
C GLN A 3 -8.33 16.05 8.19
N LYS A 4 -7.24 15.35 7.82
CA LYS A 4 -7.20 14.09 7.09
C LYS A 4 -7.81 14.17 5.70
N SER A 5 -7.03 13.80 4.68
CA SER A 5 -7.39 13.76 3.27
C SER A 5 -6.38 12.83 2.59
N PRO A 6 -6.69 12.28 1.39
CA PRO A 6 -5.79 11.38 0.66
C PRO A 6 -4.34 11.84 0.63
N ALA A 7 -4.09 13.16 0.56
CA ALA A 7 -2.75 13.73 0.57
C ALA A 7 -1.88 13.20 1.70
N GLU A 8 -2.51 12.91 2.83
CA GLU A 8 -1.86 12.38 4.01
C GLU A 8 -1.33 10.97 3.67
N LEU A 9 -2.22 10.13 3.14
CA LEU A 9 -1.88 8.77 2.75
C LEU A 9 -0.79 8.78 1.69
N LYS A 10 -0.92 9.72 0.77
CA LYS A 10 0.04 9.94 -0.30
C LYS A 10 1.40 10.28 0.31
N SER A 11 1.44 11.22 1.26
CA SER A 11 2.67 11.61 1.94
C SER A 11 3.31 10.40 2.61
N ILE A 12 2.52 9.64 3.38
CA ILE A 12 3.02 8.44 4.07
C ILE A 12 3.60 7.48 3.02
N PHE A 13 2.83 7.24 1.94
CA PHE A 13 3.24 6.38 0.85
C PHE A 13 4.60 6.84 0.31
N GLU A 14 4.75 8.13 -0.01
CA GLU A 14 6.00 8.68 -0.51
C GLU A 14 7.12 8.45 0.49
N LYS A 15 6.89 8.78 1.77
CA LYS A 15 7.86 8.62 2.83
C LYS A 15 8.40 7.19 2.88
N TYR A 16 7.52 6.21 2.69
CA TYR A 16 7.91 4.80 2.68
C TYR A 16 8.63 4.49 1.37
N ALA A 17 7.97 4.79 0.26
CA ALA A 17 8.44 4.56 -1.10
C ALA A 17 9.88 5.03 -1.29
N ALA A 18 10.20 6.21 -0.75
CA ALA A 18 11.54 6.80 -0.83
C ALA A 18 12.66 5.87 -0.32
N LYS A 19 12.35 4.83 0.46
CA LYS A 19 13.37 3.89 0.90
C LYS A 19 13.84 3.10 -0.34
N GLU A 20 12.91 2.79 -1.25
CA GLU A 20 13.18 2.10 -2.49
C GLU A 20 13.72 3.13 -3.51
N GLY A 21 14.39 2.63 -4.55
CA GLY A 21 14.97 3.48 -5.59
C GLY A 21 13.93 4.42 -6.21
N ASP A 22 12.72 3.92 -6.44
CA ASP A 22 11.64 4.69 -7.04
C ASP A 22 10.68 5.21 -5.96
N PRO A 23 10.67 6.53 -5.65
CA PRO A 23 9.78 7.10 -4.65
C PRO A 23 8.29 7.00 -5.01
N ASN A 24 7.93 6.45 -6.17
CA ASN A 24 6.55 6.27 -6.59
C ASN A 24 6.03 4.86 -6.28
N GLN A 25 6.82 4.01 -5.60
CA GLN A 25 6.40 2.67 -5.22
C GLN A 25 6.97 2.31 -3.87
N LEU A 26 6.36 1.34 -3.18
CA LEU A 26 6.95 0.78 -2.00
C LEU A 26 7.15 -0.73 -2.12
N SER A 27 8.13 -1.24 -1.35
CA SER A 27 8.50 -2.65 -1.32
C SER A 27 7.48 -3.45 -0.52
N LYS A 28 7.50 -4.78 -0.65
CA LYS A 28 6.63 -5.69 0.07
C LYS A 28 6.63 -5.38 1.57
N GLU A 29 7.82 -5.21 2.15
CA GLU A 29 8.00 -4.91 3.56
C GLU A 29 7.28 -3.59 3.89
N GLU A 30 7.58 -2.54 3.15
CA GLU A 30 6.97 -1.24 3.34
C GLU A 30 5.45 -1.31 3.14
N LEU A 31 4.95 -2.10 2.18
CA LEU A 31 3.52 -2.23 1.94
C LEU A 31 2.90 -2.85 3.19
N LYS A 32 3.45 -3.99 3.63
CA LYS A 32 3.02 -4.69 4.83
C LYS A 32 2.92 -3.68 5.98
N GLN A 33 4.00 -2.93 6.19
CA GLN A 33 4.06 -1.93 7.23
C GLN A 33 2.86 -0.99 7.05
N LEU A 34 2.67 -0.44 5.84
CA LEU A 34 1.51 0.40 5.54
C LEU A 34 0.20 -0.21 6.02
N ILE A 35 -0.02 -1.47 5.68
CA ILE A 35 -1.22 -2.19 6.09
C ILE A 35 -1.40 -2.09 7.59
N GLN A 36 -0.38 -2.57 8.29
CA GLN A 36 -0.37 -2.62 9.73
C GLN A 36 -0.48 -1.24 10.40
N ALA A 37 0.07 -0.20 9.78
CA ALA A 37 0.03 1.14 10.31
C ALA A 37 -1.33 1.83 10.07
N GLU A 38 -1.81 1.81 8.83
CA GLU A 38 -3.02 2.52 8.41
C GLU A 38 -4.32 1.71 8.52
N PHE A 39 -4.31 0.40 8.26
CA PHE A 39 -5.51 -0.43 8.28
C PHE A 39 -5.18 -1.88 8.63
N PRO A 40 -4.68 -2.13 9.85
CA PRO A 40 -4.24 -3.44 10.30
C PRO A 40 -5.29 -4.54 10.12
N SER A 41 -5.03 -5.44 9.16
CA SER A 41 -5.89 -6.58 8.85
C SER A 41 -7.32 -6.17 8.44
N LEU A 42 -7.57 -4.92 8.07
CA LEU A 42 -8.92 -4.48 7.68
C LEU A 42 -9.16 -4.80 6.20
N LEU A 43 -8.84 -6.04 5.84
CA LEU A 43 -8.94 -6.64 4.52
C LEU A 43 -9.65 -7.98 4.69
N LYS A 44 -10.89 -7.91 5.21
CA LYS A 44 -11.77 -9.02 5.48
C LYS A 44 -11.24 -10.03 6.52
N GLY A 45 -10.06 -9.80 7.11
CA GLY A 45 -9.47 -10.67 8.11
C GLY A 45 -7.96 -10.81 7.87
N PRO A 46 -7.25 -11.56 8.74
CA PRO A 46 -5.82 -11.76 8.64
C PRO A 46 -5.50 -12.74 7.52
N ARG A 47 -5.77 -12.35 6.27
CA ARG A 47 -5.52 -13.18 5.10
C ARG A 47 -4.72 -12.42 4.06
N THR A 48 -5.37 -11.78 3.08
CA THR A 48 -4.73 -11.07 1.99
C THR A 48 -4.04 -9.77 2.39
N LEU A 49 -3.13 -9.80 3.37
CA LEU A 49 -2.37 -8.61 3.70
C LEU A 49 -1.42 -8.32 2.53
N ASP A 50 -0.97 -9.38 1.86
CA ASP A 50 -0.14 -9.31 0.69
C ASP A 50 -0.12 -10.63 -0.07
N ASP A 51 -0.94 -10.61 -1.11
CA ASP A 51 -1.17 -11.63 -2.13
C ASP A 51 -1.81 -10.90 -3.30
N LEU A 52 -2.95 -10.22 -3.11
CA LEU A 52 -3.53 -9.40 -4.18
C LEU A 52 -2.45 -8.39 -4.62
N PHE A 53 -1.61 -7.98 -3.64
CA PHE A 53 -0.41 -7.16 -3.82
C PHE A 53 0.32 -7.54 -5.12
N GLN A 54 0.45 -8.85 -5.37
CA GLN A 54 1.15 -9.41 -6.51
C GLN A 54 0.63 -8.84 -7.84
N GLU A 55 -0.68 -8.57 -7.92
CA GLU A 55 -1.30 -7.99 -9.10
C GLU A 55 -0.89 -6.53 -9.26
N LEU A 56 -0.63 -5.86 -8.13
CA LEU A 56 -0.25 -4.46 -8.05
C LEU A 56 1.26 -4.28 -8.22
N ASP A 57 2.02 -5.33 -7.94
CA ASP A 57 3.48 -5.43 -8.08
C ASP A 57 3.88 -5.43 -9.55
N LYS A 58 3.72 -4.28 -10.20
CA LYS A 58 4.08 -4.05 -11.59
C LYS A 58 5.47 -4.60 -11.94
N ASN A 59 6.41 -4.55 -10.99
CA ASN A 59 7.79 -4.98 -11.16
C ASN A 59 7.93 -6.51 -11.21
N GLY A 60 6.93 -7.26 -10.72
CA GLY A 60 6.98 -8.72 -10.68
C GLY A 60 8.17 -9.18 -9.83
N ASP A 61 8.19 -8.75 -8.57
CA ASP A 61 9.25 -9.05 -7.62
C ASP A 61 8.74 -8.92 -6.19
N GLY A 62 8.52 -7.68 -5.72
CA GLY A 62 8.05 -7.44 -4.36
C GLY A 62 7.89 -5.95 -4.10
N GLU A 63 7.10 -5.28 -4.94
CA GLU A 63 6.82 -3.85 -4.88
C GLU A 63 5.32 -3.61 -5.09
N VAL A 64 4.89 -2.35 -4.99
CA VAL A 64 3.57 -1.86 -5.34
C VAL A 64 3.71 -0.37 -5.68
N SER A 65 3.37 -0.02 -6.92
CA SER A 65 3.38 1.33 -7.45
C SER A 65 2.17 2.10 -6.90
N PHE A 66 2.31 3.40 -6.63
CA PHE A 66 1.19 4.20 -6.13
C PHE A 66 -0.08 4.01 -6.96
N GLU A 67 0.07 4.11 -8.29
CA GLU A 67 -1.02 3.98 -9.24
C GLU A 67 -1.85 2.72 -8.93
N GLU A 68 -1.17 1.61 -8.67
CA GLU A 68 -1.79 0.34 -8.39
C GLU A 68 -2.27 0.27 -6.93
N PHE A 69 -1.50 0.82 -6.00
CA PHE A 69 -1.83 0.89 -4.57
C PHE A 69 -3.26 1.40 -4.37
N GLN A 70 -3.68 2.38 -5.19
CA GLN A 70 -5.04 2.91 -5.15
C GLN A 70 -6.08 1.79 -5.10
N VAL A 71 -5.86 0.69 -5.83
CA VAL A 71 -6.78 -0.44 -5.83
C VAL A 71 -6.87 -1.00 -4.41
N LEU A 72 -5.72 -1.27 -3.78
CA LEU A 72 -5.67 -1.78 -2.43
C LEU A 72 -6.38 -0.80 -1.49
N VAL A 73 -6.18 0.51 -1.68
CA VAL A 73 -6.87 1.51 -0.87
C VAL A 73 -8.39 1.32 -1.02
N LYS A 74 -8.89 1.16 -2.26
CA LYS A 74 -10.32 0.91 -2.45
C LYS A 74 -10.74 -0.37 -1.72
N LYS A 75 -9.90 -1.41 -1.73
CA LYS A 75 -10.20 -2.66 -1.05
C LYS A 75 -10.26 -2.57 0.48
N ILE A 76 -9.74 -1.51 1.12
CA ILE A 76 -9.75 -1.35 2.59
C ILE A 76 -11.18 -1.56 3.10
N SER A 77 -11.48 -2.76 3.61
CA SER A 77 -12.81 -3.17 4.05
C SER A 77 -13.89 -2.74 3.06
N GLN A 78 -13.58 -2.85 1.76
CA GLN A 78 -14.41 -2.54 0.60
C GLN A 78 -15.87 -2.18 0.93
N SER A 1 -11.65 0.78 6.43
CA SER A 1 -10.60 1.80 6.50
C SER A 1 -11.10 2.98 7.32
N ALA A 2 -10.21 3.65 8.06
CA ALA A 2 -10.57 4.78 8.90
C ALA A 2 -10.40 6.08 8.09
N GLN A 3 -9.80 7.12 8.67
CA GLN A 3 -9.59 8.39 8.00
C GLN A 3 -8.71 8.17 6.76
N LYS A 4 -9.17 8.69 5.62
CA LYS A 4 -8.50 8.63 4.33
C LYS A 4 -8.78 9.96 3.64
N SER A 5 -7.82 10.45 2.85
CA SER A 5 -7.90 11.69 2.09
C SER A 5 -6.72 11.69 1.12
N PRO A 6 -6.81 12.37 -0.03
CA PRO A 6 -5.74 12.41 -1.03
C PRO A 6 -4.38 12.76 -0.43
N ALA A 7 -4.19 14.00 0.03
CA ALA A 7 -2.93 14.46 0.59
C ALA A 7 -2.41 13.57 1.74
N GLU A 8 -3.34 13.01 2.49
CA GLU A 8 -3.05 12.14 3.61
C GLU A 8 -2.39 10.86 3.09
N LEU A 9 -3.12 10.10 2.26
CA LEU A 9 -2.58 8.86 1.72
C LEU A 9 -1.32 9.09 0.89
N LYS A 10 -1.31 10.21 0.20
CA LYS A 10 -0.18 10.68 -0.60
C LYS A 10 1.03 10.83 0.31
N SER A 11 0.92 11.65 1.35
CA SER A 11 1.99 11.89 2.31
C SER A 11 2.49 10.56 2.89
N ILE A 12 1.58 9.72 3.39
CA ILE A 12 1.96 8.44 3.99
C ILE A 12 2.72 7.59 2.97
N PHE A 13 2.11 7.38 1.80
CA PHE A 13 2.68 6.59 0.73
C PHE A 13 4.09 7.09 0.39
N GLU A 14 4.21 8.39 0.10
CA GLU A 14 5.47 9.02 -0.24
C GLU A 14 6.49 8.84 0.89
N LYS A 15 6.10 9.09 2.13
CA LYS A 15 6.97 8.94 3.28
C LYS A 15 7.56 7.53 3.33
N TYR A 16 6.73 6.52 3.04
CA TYR A 16 7.20 5.14 3.03
C TYR A 16 8.10 4.91 1.81
N ALA A 17 7.55 5.09 0.61
CA ALA A 17 8.23 4.86 -0.64
C ALA A 17 9.57 5.60 -0.73
N ALA A 18 9.68 6.79 -0.16
CA ALA A 18 10.93 7.54 -0.15
C ALA A 18 12.09 6.72 0.41
N LYS A 19 11.83 5.79 1.35
CA LYS A 19 12.87 4.94 1.90
C LYS A 19 13.53 4.10 0.81
N GLU A 20 12.81 3.82 -0.27
CA GLU A 20 13.28 3.04 -1.42
C GLU A 20 14.10 3.92 -2.36
N GLY A 21 14.20 5.21 -2.08
CA GLY A 21 14.90 6.18 -2.90
C GLY A 21 13.89 6.80 -3.85
N ASP A 22 13.22 5.96 -4.65
CA ASP A 22 12.19 6.40 -5.58
C ASP A 22 10.87 6.61 -4.82
N PRO A 23 10.35 7.84 -4.69
CA PRO A 23 9.10 8.09 -3.99
C PRO A 23 7.93 7.71 -4.90
N ASN A 24 7.82 6.43 -5.28
CA ASN A 24 6.74 5.98 -6.15
C ASN A 24 6.33 4.52 -5.98
N GLN A 25 6.95 3.77 -5.07
CA GLN A 25 6.59 2.39 -4.81
C GLN A 25 7.02 1.99 -3.42
N LEU A 26 6.42 0.90 -2.94
CA LEU A 26 6.91 0.22 -1.78
C LEU A 26 7.28 -1.20 -2.22
N SER A 27 8.43 -1.72 -1.78
CA SER A 27 8.77 -3.11 -2.06
C SER A 27 8.01 -3.94 -1.03
N LYS A 28 7.90 -5.25 -1.24
CA LYS A 28 7.19 -6.18 -0.36
C LYS A 28 7.34 -5.87 1.13
N GLU A 29 8.56 -5.64 1.61
CA GLU A 29 8.83 -5.36 3.02
C GLU A 29 8.13 -4.06 3.46
N GLU A 30 8.43 -2.96 2.78
CA GLU A 30 7.86 -1.65 3.07
C GLU A 30 6.33 -1.70 2.96
N LEU A 31 5.80 -2.45 1.99
CA LEU A 31 4.36 -2.57 1.85
C LEU A 31 3.83 -3.29 3.07
N LYS A 32 4.38 -4.47 3.39
CA LYS A 32 3.97 -5.26 4.56
C LYS A 32 3.88 -4.33 5.76
N GLN A 33 4.95 -3.55 5.98
CA GLN A 33 4.99 -2.59 7.06
C GLN A 33 3.79 -1.64 6.94
N LEU A 34 3.63 -0.94 5.81
CA LEU A 34 2.50 -0.03 5.59
C LEU A 34 1.16 -0.65 5.95
N ILE A 35 0.90 -1.82 5.37
CA ILE A 35 -0.32 -2.58 5.55
C ILE A 35 -0.61 -2.72 7.04
N GLN A 36 0.31 -3.36 7.74
CA GLN A 36 0.16 -3.58 9.17
C GLN A 36 0.08 -2.26 9.95
N ALA A 37 0.77 -1.21 9.50
CA ALA A 37 0.72 0.09 10.17
C ALA A 37 -0.69 0.68 10.11
N GLU A 38 -1.38 0.53 8.98
CA GLU A 38 -2.74 1.04 8.83
C GLU A 38 -3.75 0.03 9.40
N PHE A 39 -4.96 -0.05 8.82
CA PHE A 39 -6.06 -0.93 9.24
C PHE A 39 -5.89 -2.46 9.12
N PRO A 40 -5.25 -2.95 8.07
CA PRO A 40 -4.88 -4.33 7.78
C PRO A 40 -4.18 -5.11 8.88
N SER A 41 -3.88 -4.47 10.00
CA SER A 41 -3.27 -5.03 11.19
C SER A 41 -4.09 -6.22 11.67
N LEU A 42 -5.41 -6.16 11.46
CA LEU A 42 -6.33 -7.24 11.80
C LEU A 42 -6.09 -8.52 10.98
N LEU A 43 -5.29 -8.45 9.91
CA LEU A 43 -4.90 -9.51 8.98
C LEU A 43 -6.01 -10.10 8.12
N LYS A 44 -7.11 -10.47 8.75
CA LYS A 44 -8.30 -11.05 8.15
C LYS A 44 -9.07 -9.96 7.39
N GLY A 45 -8.43 -9.39 6.36
CA GLY A 45 -9.03 -8.37 5.51
C GLY A 45 -9.89 -9.02 4.43
N PRO A 46 -10.59 -8.20 3.63
CA PRO A 46 -11.42 -8.67 2.53
C PRO A 46 -10.55 -9.32 1.45
N ARG A 47 -9.30 -8.87 1.33
CA ARG A 47 -8.27 -9.36 0.43
C ARG A 47 -7.05 -9.64 1.30
N THR A 48 -6.41 -10.80 1.12
CA THR A 48 -5.24 -11.20 1.88
C THR A 48 -4.09 -10.24 1.67
N LEU A 49 -3.23 -10.13 2.67
CA LEU A 49 -2.03 -9.31 2.62
C LEU A 49 -1.24 -9.75 1.39
N ASP A 50 -0.98 -11.07 1.32
CA ASP A 50 -0.31 -11.68 0.19
C ASP A 50 -1.08 -11.49 -1.13
N ASP A 51 -2.40 -11.55 -1.05
CA ASP A 51 -3.32 -11.40 -2.16
C ASP A 51 -3.19 -10.01 -2.77
N LEU A 52 -3.47 -8.96 -1.99
CA LEU A 52 -3.34 -7.59 -2.45
C LEU A 52 -1.90 -7.34 -2.88
N PHE A 53 -0.92 -7.80 -2.10
CA PHE A 53 0.50 -7.68 -2.45
C PHE A 53 0.68 -8.13 -3.91
N GLN A 54 0.29 -9.37 -4.20
CA GLN A 54 0.48 -9.94 -5.51
C GLN A 54 -0.35 -9.22 -6.58
N GLU A 55 -1.63 -8.93 -6.32
CA GLU A 55 -2.47 -8.27 -7.32
C GLU A 55 -1.82 -6.94 -7.74
N LEU A 56 -1.22 -6.25 -6.75
CA LEU A 56 -0.52 -4.99 -6.99
C LEU A 56 0.79 -5.24 -7.74
N ASP A 57 1.63 -6.15 -7.26
CA ASP A 57 2.93 -6.55 -7.82
C ASP A 57 2.71 -7.33 -9.12
N LYS A 58 2.17 -6.65 -10.13
CA LYS A 58 1.86 -7.17 -11.46
C LYS A 58 2.94 -8.11 -12.01
N ASN A 59 4.22 -7.71 -11.92
CA ASN A 59 5.34 -8.49 -12.46
C ASN A 59 5.84 -9.59 -11.53
N GLY A 60 5.26 -9.76 -10.34
CA GLY A 60 5.67 -10.78 -9.38
C GLY A 60 7.10 -10.60 -8.86
N ASP A 61 7.71 -9.42 -9.00
CA ASP A 61 9.07 -9.18 -8.55
C ASP A 61 9.14 -8.95 -7.04
N GLY A 62 8.19 -8.17 -6.52
CA GLY A 62 8.09 -7.79 -5.11
C GLY A 62 7.95 -6.28 -4.96
N GLU A 63 7.27 -5.65 -5.92
CA GLU A 63 7.06 -4.21 -6.06
C GLU A 63 5.59 -3.86 -5.91
N VAL A 64 5.26 -2.74 -5.25
CA VAL A 64 3.90 -2.26 -5.17
C VAL A 64 3.96 -0.75 -5.38
N SER A 65 3.88 -0.36 -6.66
CA SER A 65 3.97 0.98 -7.20
C SER A 65 2.69 1.81 -6.96
N PHE A 66 2.82 3.14 -6.99
CA PHE A 66 1.71 4.06 -6.78
C PHE A 66 0.52 3.78 -7.70
N GLU A 67 0.75 3.69 -9.02
CA GLU A 67 -0.33 3.45 -9.96
C GLU A 67 -1.09 2.17 -9.64
N GLU A 68 -0.40 1.17 -9.10
CA GLU A 68 -0.99 -0.10 -8.70
C GLU A 68 -1.79 0.15 -7.41
N PHE A 69 -1.12 0.75 -6.42
CA PHE A 69 -1.64 1.11 -5.09
C PHE A 69 -3.07 1.68 -5.15
N GLN A 70 -3.40 2.42 -6.21
CA GLN A 70 -4.74 2.96 -6.42
C GLN A 70 -5.84 1.92 -6.16
N VAL A 71 -5.67 0.68 -6.65
CA VAL A 71 -6.69 -0.35 -6.46
C VAL A 71 -6.82 -0.76 -4.99
N LEU A 72 -5.75 -0.58 -4.21
CA LEU A 72 -5.75 -0.88 -2.79
C LEU A 72 -6.44 0.27 -2.06
N VAL A 73 -6.04 1.51 -2.35
CA VAL A 73 -6.63 2.72 -1.76
C VAL A 73 -8.15 2.64 -1.78
N LYS A 74 -8.73 2.14 -2.88
CA LYS A 74 -10.16 1.93 -2.99
C LYS A 74 -10.57 0.89 -1.94
N LYS A 75 -10.94 1.36 -0.74
CA LYS A 75 -11.36 0.60 0.42
C LYS A 75 -10.27 -0.37 0.87
N ILE A 76 -9.11 0.18 1.27
CA ILE A 76 -7.94 -0.54 1.78
C ILE A 76 -8.30 -1.82 2.54
N SER A 77 -9.02 -1.74 3.67
CA SER A 77 -9.42 -2.94 4.39
C SER A 77 -10.49 -2.63 5.43
N GLN A 78 -11.44 -3.55 5.59
CA GLN A 78 -12.59 -3.49 6.49
C GLN A 78 -13.38 -4.79 6.34
N SER A 1 -10.91 13.99 12.62
CA SER A 1 -11.96 12.96 12.63
C SER A 1 -11.50 11.74 11.82
N ALA A 2 -12.37 10.77 11.55
CA ALA A 2 -12.03 9.62 10.74
C ALA A 2 -12.18 10.00 9.26
N GLN A 3 -11.38 10.97 8.80
CA GLN A 3 -11.42 11.47 7.43
C GLN A 3 -10.24 10.93 6.62
N LYS A 4 -10.49 10.52 5.38
CA LYS A 4 -9.49 9.99 4.46
C LYS A 4 -9.36 10.98 3.31
N SER A 5 -8.19 11.06 2.66
CA SER A 5 -7.95 11.97 1.55
C SER A 5 -6.80 11.41 0.71
N PRO A 6 -6.94 11.29 -0.63
CA PRO A 6 -5.91 10.79 -1.51
C PRO A 6 -4.53 11.41 -1.23
N ALA A 7 -4.45 12.75 -1.18
CA ALA A 7 -3.22 13.47 -0.93
C ALA A 7 -2.53 13.03 0.35
N GLU A 8 -3.33 12.84 1.38
CA GLU A 8 -2.86 12.42 2.69
C GLU A 8 -2.33 10.99 2.57
N LEU A 9 -3.12 10.09 1.97
CA LEU A 9 -2.71 8.71 1.78
C LEU A 9 -1.41 8.63 0.97
N LYS A 10 -1.30 9.51 -0.01
CA LYS A 10 -0.12 9.62 -0.86
C LYS A 10 1.06 10.07 0.01
N SER A 11 0.89 11.13 0.81
CA SER A 11 1.93 11.62 1.70
C SER A 11 2.42 10.51 2.62
N ILE A 12 1.47 9.78 3.24
CA ILE A 12 1.78 8.66 4.12
C ILE A 12 2.57 7.62 3.32
N PHE A 13 2.01 7.15 2.20
CA PHE A 13 2.63 6.18 1.29
C PHE A 13 4.08 6.56 0.99
N GLU A 14 4.31 7.82 0.62
CA GLU A 14 5.64 8.34 0.31
C GLU A 14 6.64 8.06 1.42
N LYS A 15 6.21 8.13 2.69
CA LYS A 15 7.11 7.90 3.83
C LYS A 15 7.87 6.58 3.71
N TYR A 16 7.17 5.51 3.33
CA TYR A 16 7.77 4.18 3.20
C TYR A 16 8.33 4.03 1.78
N ALA A 17 7.54 4.40 0.76
CA ALA A 17 7.93 4.29 -0.64
C ALA A 17 9.31 4.90 -0.88
N ALA A 18 9.54 6.08 -0.31
CA ALA A 18 10.81 6.80 -0.41
C ALA A 18 12.00 5.96 0.06
N LYS A 19 11.79 5.01 0.99
CA LYS A 19 12.87 4.21 1.53
C LYS A 19 13.30 3.11 0.55
N GLU A 20 12.37 2.22 0.18
CA GLU A 20 12.65 1.11 -0.73
C GLU A 20 11.48 0.91 -1.70
N GLY A 21 11.77 1.04 -2.98
CA GLY A 21 10.81 0.93 -4.07
C GLY A 21 10.87 2.16 -4.95
N ASP A 22 11.15 3.31 -4.33
CA ASP A 22 11.26 4.67 -4.88
C ASP A 22 10.04 5.42 -4.35
N PRO A 23 10.10 6.75 -4.15
CA PRO A 23 8.99 7.51 -3.57
C PRO A 23 7.60 7.24 -4.17
N ASN A 24 7.51 6.73 -5.40
CA ASN A 24 6.26 6.43 -6.06
C ASN A 24 5.85 4.95 -5.98
N GLN A 25 6.56 4.08 -5.25
CA GLN A 25 6.19 2.68 -5.13
C GLN A 25 6.43 2.12 -3.77
N LEU A 26 5.72 1.03 -3.46
CA LEU A 26 5.99 0.29 -2.26
C LEU A 26 6.47 -1.13 -2.59
N SER A 27 7.62 -1.47 -2.03
CA SER A 27 8.17 -2.81 -2.10
C SER A 27 7.47 -3.61 -0.99
N LYS A 28 7.45 -4.94 -1.08
CA LYS A 28 6.79 -5.79 -0.08
C LYS A 28 7.08 -5.37 1.37
N GLU A 29 8.35 -5.14 1.71
CA GLU A 29 8.74 -4.75 3.05
C GLU A 29 8.05 -3.45 3.50
N GLU A 30 8.08 -2.44 2.63
CA GLU A 30 7.52 -1.13 2.92
C GLU A 30 6.00 -1.23 3.02
N LEU A 31 5.38 -1.95 2.08
CA LEU A 31 3.94 -2.12 2.09
C LEU A 31 3.56 -2.83 3.39
N LYS A 32 4.22 -3.94 3.71
CA LYS A 32 3.96 -4.70 4.92
C LYS A 32 3.94 -3.75 6.11
N GLN A 33 5.01 -2.98 6.27
CA GLN A 33 5.09 -2.03 7.38
C GLN A 33 3.87 -1.11 7.36
N LEU A 34 3.57 -0.49 6.21
CA LEU A 34 2.39 0.36 6.04
C LEU A 34 1.13 -0.30 6.57
N ILE A 35 0.86 -1.48 6.06
CA ILE A 35 -0.30 -2.30 6.41
C ILE A 35 -0.40 -2.47 7.92
N GLN A 36 0.67 -3.00 8.48
CA GLN A 36 0.80 -3.28 9.90
C GLN A 36 0.58 -2.02 10.74
N ALA A 37 1.16 -0.90 10.32
CA ALA A 37 1.06 0.36 11.03
C ALA A 37 -0.35 0.96 10.97
N GLU A 38 -0.94 1.02 9.79
CA GLU A 38 -2.23 1.66 9.59
C GLU A 38 -3.47 0.77 9.78
N PHE A 39 -3.50 -0.43 9.20
CA PHE A 39 -4.72 -1.25 9.23
C PHE A 39 -4.48 -2.73 8.93
N PRO A 40 -3.87 -3.50 9.84
CA PRO A 40 -3.69 -4.93 9.64
C PRO A 40 -5.04 -5.64 9.49
N SER A 41 -6.05 -5.04 10.11
CA SER A 41 -7.44 -5.43 10.15
C SER A 41 -8.18 -5.21 8.81
N LEU A 42 -7.47 -4.90 7.72
CA LEU A 42 -8.10 -4.71 6.42
C LEU A 42 -8.80 -5.98 5.90
N LEU A 43 -8.52 -7.14 6.50
CA LEU A 43 -9.08 -8.44 6.13
C LEU A 43 -10.56 -8.56 6.51
N LYS A 44 -11.39 -7.59 6.12
CA LYS A 44 -12.81 -7.55 6.42
C LYS A 44 -13.55 -8.46 5.43
N GLY A 45 -13.23 -9.75 5.48
CA GLY A 45 -13.78 -10.78 4.61
C GLY A 45 -12.65 -11.34 3.73
N PRO A 46 -12.19 -10.61 2.69
CA PRO A 46 -11.12 -11.05 1.81
C PRO A 46 -9.85 -11.38 2.61
N ARG A 47 -9.51 -12.67 2.73
CA ARG A 47 -8.35 -13.12 3.48
C ARG A 47 -7.05 -12.91 2.68
N THR A 48 -6.82 -11.68 2.22
CA THR A 48 -5.67 -11.29 1.44
C THR A 48 -4.90 -10.18 2.15
N LEU A 49 -3.78 -10.53 2.76
CA LEU A 49 -2.86 -9.54 3.31
C LEU A 49 -1.80 -9.24 2.25
N ASP A 50 -1.55 -10.18 1.32
CA ASP A 50 -0.49 -10.04 0.33
C ASP A 50 -0.79 -10.60 -1.08
N ASP A 51 -1.81 -11.41 -1.28
CA ASP A 51 -2.15 -11.88 -2.62
C ASP A 51 -2.31 -10.69 -3.59
N LEU A 52 -3.00 -9.63 -3.14
CA LEU A 52 -3.19 -8.43 -3.94
C LEU A 52 -1.87 -7.72 -4.19
N PHE A 53 -0.92 -7.80 -3.25
CA PHE A 53 0.40 -7.17 -3.42
C PHE A 53 1.00 -7.70 -4.72
N GLN A 54 0.99 -9.01 -4.86
CA GLN A 54 1.54 -9.67 -6.04
C GLN A 54 0.77 -9.20 -7.27
N GLU A 55 -0.56 -9.27 -7.22
CA GLU A 55 -1.40 -8.82 -8.32
C GLU A 55 -1.04 -7.39 -8.74
N LEU A 56 -0.76 -6.52 -7.76
CA LEU A 56 -0.40 -5.12 -7.97
C LEU A 56 1.08 -4.89 -8.29
N ASP A 57 1.88 -5.93 -8.54
CA ASP A 57 3.27 -5.76 -8.96
C ASP A 57 3.26 -5.16 -10.36
N LYS A 58 3.60 -3.87 -10.47
CA LYS A 58 3.67 -3.16 -11.74
C LYS A 58 4.40 -3.97 -12.81
N ASN A 59 5.59 -4.50 -12.51
CA ASN A 59 6.35 -5.29 -13.49
C ASN A 59 7.50 -6.11 -12.89
N GLY A 60 8.33 -5.52 -12.04
CA GLY A 60 9.53 -6.17 -11.49
C GLY A 60 9.30 -7.51 -10.78
N ASP A 61 8.66 -7.47 -9.61
CA ASP A 61 8.41 -8.66 -8.80
C ASP A 61 7.37 -8.35 -7.73
N GLY A 62 7.61 -7.30 -6.95
CA GLY A 62 6.73 -6.86 -5.89
C GLY A 62 6.75 -5.34 -5.78
N GLU A 63 6.52 -4.67 -6.91
CA GLU A 63 6.51 -3.22 -7.02
C GLU A 63 5.09 -2.69 -7.02
N VAL A 64 4.56 -2.32 -5.86
CA VAL A 64 3.21 -1.78 -5.82
C VAL A 64 3.32 -0.27 -5.94
N SER A 65 3.44 0.17 -7.20
CA SER A 65 3.50 1.56 -7.58
C SER A 65 2.22 2.25 -7.11
N PHE A 66 2.26 3.54 -6.80
CA PHE A 66 1.07 4.27 -6.34
C PHE A 66 -0.13 4.00 -7.26
N GLU A 67 0.12 4.05 -8.57
CA GLU A 67 -0.86 3.78 -9.62
C GLU A 67 -1.63 2.49 -9.33
N GLU A 68 -0.92 1.45 -8.90
CA GLU A 68 -1.50 0.14 -8.59
C GLU A 68 -2.12 0.20 -7.19
N PHE A 69 -1.40 0.80 -6.23
CA PHE A 69 -1.84 0.98 -4.85
C PHE A 69 -3.26 1.50 -4.78
N GLN A 70 -3.66 2.38 -5.72
CA GLN A 70 -5.02 2.90 -5.83
C GLN A 70 -6.08 1.80 -5.65
N VAL A 71 -5.84 0.61 -6.21
CA VAL A 71 -6.76 -0.52 -6.10
C VAL A 71 -6.99 -0.87 -4.63
N LEU A 72 -5.94 -0.81 -3.81
CA LEU A 72 -6.03 -1.09 -2.39
C LEU A 72 -6.69 0.10 -1.71
N VAL A 73 -6.23 1.33 -2.05
CA VAL A 73 -6.78 2.58 -1.50
C VAL A 73 -8.30 2.54 -1.55
N LYS A 74 -8.86 2.15 -2.69
CA LYS A 74 -10.31 2.05 -2.88
C LYS A 74 -10.97 1.23 -1.75
N LYS A 75 -10.29 0.20 -1.24
CA LYS A 75 -10.79 -0.66 -0.18
C LYS A 75 -10.50 -0.05 1.20
N ILE A 76 -9.25 0.32 1.45
CA ILE A 76 -8.86 0.87 2.76
C ILE A 76 -9.57 2.19 3.07
N SER A 77 -9.95 2.98 2.05
CA SER A 77 -10.64 4.25 2.25
C SER A 77 -12.11 4.06 2.61
N GLN A 78 -12.37 3.36 3.73
CA GLN A 78 -13.70 3.14 4.28
C GLN A 78 -14.66 2.52 3.24
N SER A 1 -16.21 12.19 10.57
CA SER A 1 -15.82 11.07 11.44
C SER A 1 -14.35 10.77 11.18
N ALA A 2 -13.70 9.99 12.05
CA ALA A 2 -12.30 9.64 11.86
C ALA A 2 -12.16 8.80 10.59
N GLN A 3 -11.07 9.00 9.85
CA GLN A 3 -10.75 8.32 8.60
C GLN A 3 -9.34 8.74 8.20
N LYS A 4 -8.76 8.07 7.21
CA LYS A 4 -7.47 8.45 6.66
C LYS A 4 -7.79 9.22 5.38
N SER A 5 -7.32 10.46 5.27
CA SER A 5 -7.64 11.29 4.11
C SER A 5 -6.83 10.84 2.88
N PRO A 6 -7.33 11.00 1.64
CA PRO A 6 -6.58 10.64 0.45
C PRO A 6 -5.16 11.22 0.47
N ALA A 7 -5.05 12.54 0.69
CA ALA A 7 -3.77 13.23 0.74
C ALA A 7 -2.85 12.68 1.82
N GLU A 8 -3.45 12.25 2.92
CA GLU A 8 -2.75 11.69 4.07
C GLU A 8 -2.16 10.35 3.62
N LEU A 9 -3.01 9.48 3.04
CA LEU A 9 -2.58 8.18 2.54
C LEU A 9 -1.46 8.35 1.54
N LYS A 10 -1.62 9.32 0.65
CA LYS A 10 -0.64 9.66 -0.36
C LYS A 10 0.68 10.06 0.32
N SER A 11 0.63 11.01 1.24
CA SER A 11 1.80 11.48 1.96
C SER A 11 2.52 10.33 2.65
N ILE A 12 1.80 9.55 3.46
CA ILE A 12 2.39 8.42 4.17
C ILE A 12 3.00 7.48 3.12
N PHE A 13 2.21 7.08 2.12
CA PHE A 13 2.64 6.20 1.04
C PHE A 13 3.99 6.68 0.46
N GLU A 14 4.11 7.95 0.09
CA GLU A 14 5.35 8.50 -0.45
C GLU A 14 6.48 8.33 0.57
N LYS A 15 6.27 8.78 1.81
CA LYS A 15 7.26 8.68 2.87
C LYS A 15 7.67 7.22 3.12
N TYR A 16 6.74 6.28 2.93
CA TYR A 16 6.98 4.87 3.11
C TYR A 16 7.82 4.35 1.95
N ALA A 17 7.35 4.62 0.72
CA ALA A 17 8.00 4.26 -0.52
C ALA A 17 9.44 4.78 -0.53
N ALA A 18 9.69 5.93 0.10
CA ALA A 18 11.03 6.51 0.23
C ALA A 18 12.06 5.53 0.80
N LYS A 19 11.63 4.46 1.49
CA LYS A 19 12.54 3.44 1.98
C LYS A 19 13.21 2.74 0.78
N GLU A 20 12.52 2.68 -0.35
CA GLU A 20 12.98 2.13 -1.62
C GLU A 20 13.54 3.29 -2.45
N GLY A 21 14.31 2.99 -3.51
CA GLY A 21 14.93 4.01 -4.34
C GLY A 21 13.97 4.75 -5.28
N ASP A 22 12.80 5.17 -4.78
CA ASP A 22 11.76 5.91 -5.50
C ASP A 22 10.58 6.14 -4.55
N PRO A 23 10.36 7.37 -4.04
CA PRO A 23 9.27 7.65 -3.11
C PRO A 23 7.90 7.70 -3.81
N ASN A 24 7.58 6.71 -4.64
CA ASN A 24 6.33 6.63 -5.38
C ASN A 24 5.84 5.18 -5.52
N GLN A 25 6.55 4.20 -4.94
CA GLN A 25 6.19 2.78 -5.01
C GLN A 25 6.52 2.05 -3.73
N LEU A 26 5.76 1.00 -3.46
CA LEU A 26 6.09 0.08 -2.40
C LEU A 26 6.06 -1.36 -2.92
N SER A 27 7.00 -2.19 -2.46
CA SER A 27 7.11 -3.63 -2.75
C SER A 27 6.08 -4.38 -1.90
N LYS A 28 6.06 -5.71 -2.02
CA LYS A 28 5.20 -6.58 -1.24
C LYS A 28 5.42 -6.32 0.26
N GLU A 29 6.67 -6.53 0.70
CA GLU A 29 7.07 -6.37 2.08
C GLU A 29 6.89 -4.94 2.58
N GLU A 30 7.24 -3.94 1.76
CA GLU A 30 7.07 -2.57 2.20
C GLU A 30 5.58 -2.22 2.29
N LEU A 31 4.74 -2.76 1.39
CA LEU A 31 3.30 -2.55 1.49
C LEU A 31 2.83 -3.14 2.83
N LYS A 32 3.20 -4.39 3.13
CA LYS A 32 2.82 -4.95 4.42
C LYS A 32 3.20 -4.01 5.54
N GLN A 33 4.43 -3.48 5.52
CA GLN A 33 4.83 -2.60 6.59
C GLN A 33 3.95 -1.34 6.61
N LEU A 34 3.62 -0.76 5.44
CA LEU A 34 2.71 0.37 5.37
C LEU A 34 1.42 0.05 6.11
N ILE A 35 0.83 -1.08 5.73
CA ILE A 35 -0.42 -1.54 6.30
C ILE A 35 -0.33 -1.73 7.81
N GLN A 36 0.72 -2.39 8.26
CA GLN A 36 0.91 -2.64 9.68
C GLN A 36 1.06 -1.32 10.44
N ALA A 37 1.69 -0.31 9.82
CA ALA A 37 1.83 1.00 10.44
C ALA A 37 0.50 1.76 10.47
N GLU A 38 -0.23 1.77 9.36
CA GLU A 38 -1.49 2.50 9.24
C GLU A 38 -2.69 1.82 9.90
N PHE A 39 -2.93 0.55 9.57
CA PHE A 39 -4.07 -0.23 10.02
C PHE A 39 -3.87 -1.74 9.76
N PRO A 40 -3.23 -2.48 10.69
CA PRO A 40 -2.98 -3.90 10.56
C PRO A 40 -4.19 -4.73 10.11
N SER A 41 -5.33 -4.34 10.66
CA SER A 41 -6.67 -4.87 10.52
C SER A 41 -7.12 -5.23 9.09
N LEU A 42 -6.43 -4.79 8.05
CA LEU A 42 -6.80 -5.03 6.66
C LEU A 42 -6.38 -6.43 6.20
N LEU A 43 -6.72 -7.42 7.01
CA LEU A 43 -6.49 -8.83 6.72
C LEU A 43 -7.59 -9.25 5.76
N LYS A 44 -7.47 -8.86 4.49
CA LYS A 44 -8.46 -9.13 3.45
C LYS A 44 -8.50 -10.61 3.06
N GLY A 45 -8.98 -11.47 3.97
CA GLY A 45 -9.13 -12.91 3.79
C GLY A 45 -8.74 -13.62 5.09
N PRO A 46 -8.42 -14.92 5.04
CA PRO A 46 -8.00 -15.69 6.21
C PRO A 46 -6.84 -15.00 6.95
N ARG A 47 -5.96 -14.35 6.19
CA ARG A 47 -4.81 -13.60 6.69
C ARG A 47 -4.44 -12.58 5.62
N THR A 48 -4.07 -13.07 4.43
CA THR A 48 -3.71 -12.29 3.30
C THR A 48 -2.54 -11.34 3.51
N LEU A 49 -2.89 -10.17 4.05
CA LEU A 49 -2.11 -8.96 4.24
C LEU A 49 -1.40 -8.51 2.97
N ASP A 50 -0.52 -9.34 2.39
CA ASP A 50 0.16 -9.06 1.16
C ASP A 50 0.36 -10.34 0.35
N ASP A 51 -0.69 -10.60 -0.40
CA ASP A 51 -0.86 -11.70 -1.34
C ASP A 51 -1.60 -11.17 -2.56
N LEU A 52 -2.84 -10.69 -2.43
CA LEU A 52 -3.48 -10.05 -3.59
C LEU A 52 -2.58 -8.87 -4.02
N PHE A 53 -1.95 -8.23 -3.04
CA PHE A 53 -0.95 -7.18 -3.19
C PHE A 53 0.12 -7.60 -4.20
N GLN A 54 0.49 -8.88 -4.21
CA GLN A 54 1.52 -9.39 -5.11
C GLN A 54 1.09 -9.19 -6.57
N GLU A 55 -0.21 -9.23 -6.86
CA GLU A 55 -0.71 -8.99 -8.20
C GLU A 55 -0.47 -7.52 -8.59
N LEU A 56 -0.51 -6.63 -7.59
CA LEU A 56 -0.30 -5.21 -7.78
C LEU A 56 1.19 -4.89 -7.92
N ASP A 57 2.07 -5.70 -7.31
CA ASP A 57 3.54 -5.59 -7.33
C ASP A 57 4.03 -5.84 -8.77
N LYS A 58 3.70 -4.93 -9.69
CA LYS A 58 4.04 -5.07 -11.09
C LYS A 58 5.51 -4.73 -11.35
N ASN A 59 6.23 -5.67 -11.97
CA ASN A 59 7.65 -5.54 -12.24
C ASN A 59 7.92 -4.49 -13.33
N GLY A 60 6.93 -4.23 -14.20
CA GLY A 60 7.05 -3.23 -15.25
C GLY A 60 7.51 -1.89 -14.67
N ASP A 61 6.84 -1.46 -13.59
CA ASP A 61 7.19 -0.25 -12.86
C ASP A 61 8.17 -0.58 -11.73
N GLY A 62 8.09 -1.80 -11.18
CA GLY A 62 8.97 -2.29 -10.15
C GLY A 62 8.17 -3.01 -9.06
N GLU A 63 7.22 -2.29 -8.46
CA GLU A 63 6.40 -2.76 -7.35
C GLU A 63 4.96 -2.26 -7.50
N VAL A 64 4.40 -1.69 -6.43
CA VAL A 64 3.09 -1.10 -6.39
C VAL A 64 3.31 0.40 -6.36
N SER A 65 3.43 0.99 -7.55
CA SER A 65 3.59 2.41 -7.73
C SER A 65 2.24 3.06 -7.40
N PHE A 66 2.19 4.38 -7.19
CA PHE A 66 0.92 5.06 -6.90
C PHE A 66 -0.21 4.57 -7.84
N GLU A 67 0.14 4.43 -9.13
CA GLU A 67 -0.72 3.97 -10.20
C GLU A 67 -1.43 2.65 -9.87
N GLU A 68 -0.78 1.77 -9.12
CA GLU A 68 -1.35 0.49 -8.69
C GLU A 68 -1.93 0.67 -7.28
N PHE A 69 -1.18 1.31 -6.37
CA PHE A 69 -1.58 1.56 -4.99
C PHE A 69 -2.98 2.14 -4.89
N GLN A 70 -3.33 3.08 -5.78
CA GLN A 70 -4.66 3.66 -5.79
C GLN A 70 -5.75 2.59 -5.78
N VAL A 71 -5.52 1.43 -6.41
CA VAL A 71 -6.50 0.34 -6.41
C VAL A 71 -6.66 -0.17 -4.98
N LEU A 72 -5.54 -0.34 -4.27
CA LEU A 72 -5.55 -0.78 -2.88
C LEU A 72 -6.33 0.25 -2.06
N VAL A 73 -6.01 1.54 -2.24
CA VAL A 73 -6.67 2.65 -1.56
C VAL A 73 -8.19 2.57 -1.78
N LYS A 74 -8.63 2.48 -3.03
CA LYS A 74 -10.04 2.44 -3.39
C LYS A 74 -10.84 1.41 -2.58
N LYS A 75 -10.29 0.22 -2.34
CA LYS A 75 -11.00 -0.82 -1.59
C LYS A 75 -10.42 -1.08 -0.19
N ILE A 76 -9.97 -0.02 0.51
CA ILE A 76 -9.51 -0.14 1.88
C ILE A 76 -10.70 -0.59 2.72
N SER A 77 -10.69 -1.87 3.13
CA SER A 77 -11.72 -2.50 3.92
C SER A 77 -11.76 -1.99 5.36
N GLN A 78 -12.08 -0.71 5.53
CA GLN A 78 -12.18 -0.04 6.82
C GLN A 78 -10.88 -0.18 7.62
N SER A 1 -14.81 14.27 9.20
CA SER A 1 -14.70 13.52 7.95
C SER A 1 -13.79 12.33 8.17
N ALA A 2 -13.77 11.35 7.24
CA ALA A 2 -12.90 10.20 7.35
C ALA A 2 -11.46 10.67 7.50
N GLN A 3 -10.78 10.24 8.57
CA GLN A 3 -9.41 10.64 8.84
C GLN A 3 -8.52 10.17 7.70
N LYS A 4 -8.49 8.85 7.55
CA LYS A 4 -7.77 8.22 6.47
C LYS A 4 -8.45 8.71 5.20
N SER A 5 -7.65 9.33 4.33
CA SER A 5 -8.10 9.96 3.11
C SER A 5 -7.00 9.83 2.06
N PRO A 6 -7.35 9.87 0.76
CA PRO A 6 -6.40 9.73 -0.33
C PRO A 6 -5.11 10.54 -0.12
N ALA A 7 -5.22 11.86 0.07
CA ALA A 7 -4.06 12.73 0.25
C ALA A 7 -3.11 12.25 1.33
N GLU A 8 -3.69 11.90 2.46
CA GLU A 8 -2.96 11.42 3.63
C GLU A 8 -2.25 10.12 3.25
N LEU A 9 -3.01 9.16 2.72
CA LEU A 9 -2.49 7.86 2.31
C LEU A 9 -1.37 8.00 1.30
N LYS A 10 -1.53 8.95 0.39
CA LYS A 10 -0.58 9.28 -0.66
C LYS A 10 0.70 9.82 -0.01
N SER A 11 0.56 10.76 0.92
CA SER A 11 1.70 11.34 1.63
C SER A 11 2.48 10.24 2.35
N ILE A 12 1.78 9.40 3.12
CA ILE A 12 2.40 8.29 3.85
C ILE A 12 3.08 7.36 2.85
N PHE A 13 2.37 7.00 1.77
CA PHE A 13 2.88 6.16 0.70
C PHE A 13 4.21 6.71 0.21
N GLU A 14 4.26 8.00 -0.16
CA GLU A 14 5.49 8.63 -0.62
C GLU A 14 6.58 8.51 0.44
N LYS A 15 6.25 8.85 1.69
CA LYS A 15 7.19 8.79 2.80
C LYS A 15 7.83 7.39 2.90
N TYR A 16 7.04 6.33 2.71
CA TYR A 16 7.57 4.97 2.75
C TYR A 16 8.37 4.69 1.48
N ALA A 17 7.74 4.89 0.32
CA ALA A 17 8.30 4.66 -1.01
C ALA A 17 9.67 5.33 -1.17
N ALA A 18 9.87 6.49 -0.55
CA ALA A 18 11.15 7.19 -0.60
C ALA A 18 12.30 6.34 -0.05
N LYS A 19 12.02 5.34 0.80
CA LYS A 19 13.03 4.49 1.42
C LYS A 19 13.50 3.39 0.45
N GLU A 20 12.66 2.39 0.17
CA GLU A 20 13.03 1.27 -0.70
C GLU A 20 12.20 1.28 -1.99
N GLY A 21 12.65 0.50 -2.98
CA GLY A 21 11.98 0.41 -4.26
C GLY A 21 12.29 1.65 -5.09
N ASP A 22 11.64 2.76 -4.76
CA ASP A 22 11.74 4.08 -5.40
C ASP A 22 10.56 4.91 -4.88
N PRO A 23 10.66 6.25 -4.75
CA PRO A 23 9.58 7.13 -4.28
C PRO A 23 8.18 6.89 -4.87
N ASN A 24 8.06 6.24 -6.02
CA ASN A 24 6.78 5.94 -6.66
C ASN A 24 6.18 4.59 -6.21
N GLN A 25 6.89 3.75 -5.45
CA GLN A 25 6.39 2.43 -5.07
C GLN A 25 6.60 2.02 -3.63
N LEU A 26 5.77 1.08 -3.20
CA LEU A 26 6.00 0.36 -1.98
C LEU A 26 6.40 -1.08 -2.29
N SER A 27 7.56 -1.52 -1.82
CA SER A 27 7.92 -2.92 -1.94
C SER A 27 7.02 -3.69 -0.98
N LYS A 28 6.76 -4.97 -1.25
CA LYS A 28 5.90 -5.83 -0.42
C LYS A 28 6.20 -5.66 1.08
N GLU A 29 7.49 -5.66 1.41
CA GLU A 29 8.01 -5.47 2.75
C GLU A 29 7.52 -4.16 3.37
N GLU A 30 7.49 -3.09 2.59
CA GLU A 30 7.06 -1.78 3.04
C GLU A 30 5.53 -1.78 3.16
N LEU A 31 4.85 -2.35 2.16
CA LEU A 31 3.41 -2.46 2.15
C LEU A 31 2.88 -3.13 3.41
N LYS A 32 3.32 -4.37 3.70
CA LYS A 32 2.83 -5.04 4.91
C LYS A 32 2.98 -4.15 6.13
N GLN A 33 4.15 -3.51 6.25
CA GLN A 33 4.40 -2.62 7.36
C GLN A 33 3.33 -1.53 7.36
N LEU A 34 3.18 -0.78 6.26
CA LEU A 34 2.16 0.25 6.13
C LEU A 34 0.80 -0.19 6.67
N ILE A 35 0.33 -1.29 6.11
CA ILE A 35 -0.96 -1.87 6.44
C ILE A 35 -1.08 -2.16 7.93
N GLN A 36 -0.26 -3.11 8.37
CA GLN A 36 -0.26 -3.60 9.74
C GLN A 36 -0.06 -2.49 10.77
N ALA A 37 0.87 -1.56 10.50
CA ALA A 37 1.20 -0.48 11.42
C ALA A 37 0.14 0.64 11.45
N GLU A 38 -0.24 1.17 10.29
CA GLU A 38 -1.12 2.33 10.23
C GLU A 38 -2.60 2.04 9.92
N PHE A 39 -2.95 0.91 9.30
CA PHE A 39 -4.35 0.64 8.99
C PHE A 39 -4.64 -0.84 8.74
N PRO A 40 -4.57 -1.71 9.77
CA PRO A 40 -4.89 -3.13 9.64
C PRO A 40 -6.35 -3.37 9.24
N SER A 41 -7.16 -2.32 9.39
CA SER A 41 -8.58 -2.18 9.05
C SER A 41 -9.40 -3.45 9.19
N LEU A 42 -9.13 -4.24 10.24
CA LEU A 42 -9.78 -5.51 10.51
C LEU A 42 -9.95 -6.33 9.24
N LEU A 43 -8.89 -6.42 8.43
CA LEU A 43 -8.89 -7.18 7.17
C LEU A 43 -8.97 -8.68 7.44
N LYS A 44 -10.13 -9.15 7.90
CA LYS A 44 -10.41 -10.56 8.16
C LYS A 44 -10.93 -11.22 6.88
N GLY A 45 -11.34 -12.50 6.97
CA GLY A 45 -11.85 -13.24 5.82
C GLY A 45 -10.74 -13.33 4.76
N PRO A 46 -10.88 -12.71 3.57
CA PRO A 46 -9.84 -12.71 2.56
C PRO A 46 -8.73 -11.73 2.98
N ARG A 47 -8.02 -12.09 4.06
CA ARG A 47 -6.94 -11.37 4.72
C ARG A 47 -5.77 -11.10 3.78
N THR A 48 -6.01 -10.26 2.79
CA THR A 48 -5.05 -9.91 1.79
C THR A 48 -4.05 -8.90 2.32
N LEU A 49 -3.06 -9.43 3.03
CA LEU A 49 -1.93 -8.63 3.48
C LEU A 49 -0.83 -8.68 2.42
N ASP A 50 -1.02 -9.50 1.37
CA ASP A 50 -0.08 -9.57 0.25
C ASP A 50 -0.58 -10.23 -1.03
N ASP A 51 -1.58 -11.12 -1.01
CA ASP A 51 -2.03 -11.80 -2.25
C ASP A 51 -2.26 -10.84 -3.42
N LEU A 52 -3.19 -9.88 -3.28
CA LEU A 52 -3.44 -8.94 -4.36
C LEU A 52 -2.27 -7.97 -4.52
N PHE A 53 -1.56 -7.68 -3.43
CA PHE A 53 -0.40 -6.79 -3.45
C PHE A 53 0.62 -7.35 -4.45
N GLN A 54 0.83 -8.67 -4.41
CA GLN A 54 1.73 -9.36 -5.32
C GLN A 54 1.23 -9.17 -6.75
N GLU A 55 -0.10 -9.25 -6.97
CA GLU A 55 -0.68 -9.03 -8.29
C GLU A 55 -0.38 -7.59 -8.73
N LEU A 56 -0.50 -6.64 -7.81
CA LEU A 56 -0.21 -5.22 -8.03
C LEU A 56 1.30 -4.93 -8.08
N ASP A 57 2.17 -5.94 -8.22
CA ASP A 57 3.61 -5.74 -8.27
C ASP A 57 4.09 -5.52 -9.69
N LYS A 58 4.34 -4.25 -10.03
CA LYS A 58 4.89 -3.77 -11.30
C LYS A 58 5.77 -4.79 -12.05
N ASN A 59 6.76 -5.41 -11.41
CA ASN A 59 7.64 -6.40 -12.05
C ASN A 59 7.66 -7.73 -11.28
N GLY A 60 6.53 -8.11 -10.69
CA GLY A 60 6.34 -9.36 -9.96
C GLY A 60 7.52 -9.76 -9.07
N ASP A 61 8.09 -8.81 -8.31
CA ASP A 61 9.24 -9.06 -7.45
C ASP A 61 9.08 -8.46 -6.05
N GLY A 62 9.17 -7.14 -5.91
CA GLY A 62 9.06 -6.46 -4.63
C GLY A 62 8.79 -4.97 -4.86
N GLU A 63 7.62 -4.69 -5.44
CA GLU A 63 7.17 -3.34 -5.79
C GLU A 63 5.65 -3.33 -5.77
N VAL A 64 5.07 -2.13 -5.78
CA VAL A 64 3.65 -1.80 -5.96
C VAL A 64 3.69 -0.29 -6.19
N SER A 65 3.63 0.12 -7.45
CA SER A 65 3.70 1.52 -7.83
C SER A 65 2.42 2.25 -7.40
N PHE A 66 2.49 3.56 -7.17
CA PHE A 66 1.34 4.35 -6.74
C PHE A 66 0.09 4.04 -7.57
N GLU A 67 0.25 4.12 -8.88
CA GLU A 67 -0.82 3.86 -9.84
C GLU A 67 -1.50 2.51 -9.55
N GLU A 68 -0.75 1.50 -9.13
CA GLU A 68 -1.26 0.19 -8.78
C GLU A 68 -1.90 0.26 -7.37
N PHE A 69 -1.16 0.81 -6.41
CA PHE A 69 -1.55 1.00 -5.02
C PHE A 69 -2.98 1.55 -4.90
N GLN A 70 -3.37 2.47 -5.81
CA GLN A 70 -4.73 3.01 -5.86
C GLN A 70 -5.79 1.92 -5.66
N VAL A 71 -5.61 0.77 -6.33
CA VAL A 71 -6.54 -0.35 -6.26
C VAL A 71 -6.71 -0.82 -4.81
N LEU A 72 -5.64 -0.81 -4.02
CA LEU A 72 -5.66 -1.19 -2.62
C LEU A 72 -6.38 -0.08 -1.86
N VAL A 73 -5.83 1.13 -1.96
CA VAL A 73 -6.33 2.35 -1.33
C VAL A 73 -7.86 2.46 -1.42
N LYS A 74 -8.44 2.14 -2.57
CA LYS A 74 -9.90 2.18 -2.77
C LYS A 74 -10.68 1.53 -1.62
N LYS A 75 -10.16 0.46 -1.01
CA LYS A 75 -10.84 -0.21 0.10
C LYS A 75 -10.60 0.52 1.43
N ILE A 76 -9.55 1.32 1.51
CA ILE A 76 -9.16 2.05 2.72
C ILE A 76 -9.99 3.32 2.82
N SER A 77 -9.97 4.15 1.76
CA SER A 77 -10.69 5.41 1.71
C SER A 77 -10.68 5.92 0.28
N GLN A 78 -11.52 6.93 0.00
CA GLN A 78 -11.70 7.51 -1.32
C GLN A 78 -11.98 9.00 -1.20
N SER A 1 -10.94 16.91 4.16
CA SER A 1 -10.90 18.16 3.38
C SER A 1 -9.45 18.63 3.30
N ALA A 2 -9.15 19.90 3.57
CA ALA A 2 -7.77 20.38 3.62
C ALA A 2 -7.04 19.47 4.61
N GLN A 3 -7.65 19.29 5.79
CA GLN A 3 -7.20 18.35 6.79
C GLN A 3 -7.93 17.04 6.42
N LYS A 4 -7.21 15.92 6.47
CA LYS A 4 -7.62 14.58 6.10
C LYS A 4 -8.12 14.48 4.65
N SER A 5 -7.39 13.71 3.85
CA SER A 5 -7.63 13.51 2.43
C SER A 5 -6.69 12.39 1.98
N PRO A 6 -6.87 11.84 0.77
CA PRO A 6 -5.96 10.85 0.22
C PRO A 6 -4.51 11.37 0.22
N ALA A 7 -4.32 12.69 0.25
CA ALA A 7 -2.99 13.29 0.31
C ALA A 7 -2.18 12.77 1.50
N GLU A 8 -2.89 12.42 2.57
CA GLU A 8 -2.29 11.87 3.78
C GLU A 8 -1.67 10.52 3.42
N LEU A 9 -2.48 9.66 2.77
CA LEU A 9 -2.06 8.34 2.33
C LEU A 9 -0.85 8.48 1.44
N LYS A 10 -1.00 9.37 0.47
CA LYS A 10 0.01 9.71 -0.51
C LYS A 10 1.30 10.10 0.22
N SER A 11 1.23 10.98 1.22
CA SER A 11 2.41 11.40 1.96
C SER A 11 3.09 10.22 2.65
N ILE A 12 2.36 9.45 3.47
CA ILE A 12 2.96 8.31 4.17
C ILE A 12 3.61 7.37 3.14
N PHE A 13 2.84 7.05 2.11
CA PHE A 13 3.24 6.22 0.99
C PHE A 13 4.55 6.75 0.39
N GLU A 14 4.61 8.04 0.07
CA GLU A 14 5.78 8.67 -0.54
C GLU A 14 7.01 8.55 0.38
N LYS A 15 6.84 8.72 1.69
CA LYS A 15 7.96 8.59 2.61
C LYS A 15 8.51 7.16 2.58
N TYR A 16 7.62 6.16 2.56
CA TYR A 16 8.05 4.77 2.54
C TYR A 16 8.71 4.46 1.19
N ALA A 17 8.09 4.93 0.12
CA ALA A 17 8.60 4.76 -1.23
C ALA A 17 10.00 5.37 -1.32
N ALA A 18 10.15 6.60 -0.84
CA ALA A 18 11.43 7.31 -0.81
C ALA A 18 12.48 6.50 -0.05
N LYS A 19 12.09 5.80 1.02
CA LYS A 19 12.99 4.95 1.78
C LYS A 19 13.66 3.93 0.85
N GLU A 20 12.92 3.41 -0.13
CA GLU A 20 13.45 2.46 -1.10
C GLU A 20 14.26 3.23 -2.14
N GLY A 21 13.68 4.32 -2.66
CA GLY A 21 14.32 5.18 -3.64
C GLY A 21 13.26 5.95 -4.42
N ASP A 22 12.58 5.27 -5.33
CA ASP A 22 11.53 5.86 -6.14
C ASP A 22 10.39 6.27 -5.20
N PRO A 23 10.06 7.57 -5.06
CA PRO A 23 9.02 8.02 -4.14
C PRO A 23 7.59 7.69 -4.60
N ASN A 24 7.41 7.05 -5.76
CA ASN A 24 6.07 6.74 -6.28
C ASN A 24 5.63 5.28 -6.06
N GLN A 25 6.43 4.42 -5.42
CA GLN A 25 6.04 3.03 -5.19
C GLN A 25 6.61 2.49 -3.91
N LEU A 26 5.99 1.45 -3.35
CA LEU A 26 6.55 0.70 -2.26
C LEU A 26 6.45 -0.79 -2.58
N SER A 27 7.46 -1.54 -2.14
CA SER A 27 7.57 -2.98 -2.29
C SER A 27 6.65 -3.65 -1.26
N LYS A 28 6.59 -4.98 -1.31
CA LYS A 28 5.80 -5.79 -0.39
C LYS A 28 6.12 -5.47 1.08
N GLU A 29 7.39 -5.23 1.42
CA GLU A 29 7.80 -4.95 2.78
C GLU A 29 7.17 -3.65 3.28
N GLU A 30 7.47 -2.54 2.58
CA GLU A 30 6.92 -1.25 2.91
C GLU A 30 5.39 -1.31 2.94
N LEU A 31 4.78 -2.01 1.98
CA LEU A 31 3.33 -2.16 2.00
C LEU A 31 2.88 -2.89 3.26
N LYS A 32 3.44 -4.07 3.56
CA LYS A 32 3.10 -4.84 4.74
C LYS A 32 3.10 -3.91 5.94
N GLN A 33 4.20 -3.17 6.10
CA GLN A 33 4.36 -2.22 7.18
C GLN A 33 3.17 -1.25 7.15
N LEU A 34 2.96 -0.55 6.01
CA LEU A 34 1.83 0.37 5.82
C LEU A 34 0.50 -0.20 6.32
N ILE A 35 0.12 -1.31 5.71
CA ILE A 35 -1.13 -2.00 5.97
C ILE A 35 -1.33 -2.26 7.46
N GLN A 36 -0.43 -3.07 7.98
CA GLN A 36 -0.45 -3.54 9.36
C GLN A 36 -0.43 -2.38 10.36
N ALA A 37 0.45 -1.41 10.14
CA ALA A 37 0.60 -0.29 11.07
C ALA A 37 -0.54 0.74 10.98
N GLU A 38 -0.88 1.21 9.78
CA GLU A 38 -1.86 2.28 9.62
C GLU A 38 -3.31 1.80 9.46
N PHE A 39 -3.57 0.66 8.83
CA PHE A 39 -4.95 0.23 8.59
C PHE A 39 -5.07 -1.26 8.26
N PRO A 40 -4.96 -2.15 9.26
CA PRO A 40 -5.04 -3.59 9.08
C PRO A 40 -6.38 -4.13 8.54
N SER A 41 -7.31 -3.25 8.14
CA SER A 41 -8.60 -3.51 7.52
C SER A 41 -9.30 -4.78 8.03
N LEU A 42 -9.25 -5.00 9.35
CA LEU A 42 -9.81 -6.16 10.02
C LEU A 42 -9.52 -7.47 9.26
N LEU A 43 -8.29 -7.61 8.74
CA LEU A 43 -7.86 -8.79 8.00
C LEU A 43 -7.61 -9.95 8.98
N LYS A 44 -8.68 -10.42 9.64
CA LYS A 44 -8.66 -11.49 10.62
C LYS A 44 -8.56 -12.84 9.89
N GLY A 45 -7.46 -13.03 9.15
CA GLY A 45 -7.17 -14.25 8.40
C GLY A 45 -6.80 -13.92 6.95
N PRO A 46 -6.51 -14.95 6.13
CA PRO A 46 -6.08 -14.82 4.73
C PRO A 46 -7.12 -14.23 3.75
N ARG A 47 -7.72 -13.08 4.06
CA ARG A 47 -8.67 -12.41 3.16
C ARG A 47 -7.89 -12.01 1.90
N THR A 48 -6.72 -11.41 2.11
CA THR A 48 -5.82 -11.04 1.05
C THR A 48 -4.45 -10.91 1.65
N LEU A 49 -4.36 -9.92 2.52
CA LEU A 49 -3.20 -9.36 3.20
C LEU A 49 -2.11 -9.02 2.18
N ASP A 50 -1.58 -10.03 1.50
CA ASP A 50 -0.54 -9.92 0.49
C ASP A 50 -0.96 -10.34 -0.92
N ASP A 51 -2.09 -11.03 -1.12
CA ASP A 51 -2.49 -11.50 -2.45
C ASP A 51 -2.57 -10.39 -3.52
N LEU A 52 -3.63 -9.58 -3.49
CA LEU A 52 -3.87 -8.50 -4.46
C LEU A 52 -2.65 -7.58 -4.45
N PHE A 53 -2.30 -7.23 -3.22
CA PHE A 53 -1.14 -6.43 -2.85
C PHE A 53 0.09 -6.86 -3.69
N GLN A 54 0.39 -8.17 -3.73
CA GLN A 54 1.51 -8.72 -4.47
C GLN A 54 1.25 -8.59 -5.97
N GLU A 55 0.05 -8.93 -6.43
CA GLU A 55 -0.27 -8.81 -7.85
C GLU A 55 0.00 -7.38 -8.33
N LEU A 56 -0.31 -6.39 -7.48
CA LEU A 56 -0.09 -4.98 -7.77
C LEU A 56 1.40 -4.58 -7.69
N ASP A 57 2.27 -5.37 -7.06
CA ASP A 57 3.72 -5.14 -6.91
C ASP A 57 4.39 -5.50 -8.24
N LYS A 58 3.87 -4.89 -9.33
CA LYS A 58 4.20 -5.08 -10.76
C LYS A 58 5.05 -6.32 -11.08
N ASN A 59 6.35 -6.30 -10.77
CA ASN A 59 7.21 -7.45 -11.03
C ASN A 59 8.39 -7.51 -10.04
N GLY A 60 8.25 -6.91 -8.87
CA GLY A 60 9.30 -6.88 -7.85
C GLY A 60 10.22 -5.72 -8.18
N ASP A 61 10.75 -5.73 -9.41
CA ASP A 61 11.60 -4.68 -9.97
C ASP A 61 10.64 -3.69 -10.62
N GLY A 62 9.66 -3.29 -9.80
CA GLY A 62 8.52 -2.49 -10.11
C GLY A 62 7.55 -2.98 -9.04
N GLU A 63 7.28 -2.11 -8.07
CA GLU A 63 6.46 -2.39 -6.92
C GLU A 63 5.06 -1.80 -7.09
N VAL A 64 4.35 -1.57 -5.98
CA VAL A 64 3.01 -1.02 -6.04
C VAL A 64 3.09 0.48 -6.28
N SER A 65 3.35 0.83 -7.54
CA SER A 65 3.38 2.21 -7.98
C SER A 65 2.02 2.83 -7.67
N PHE A 66 1.97 4.12 -7.30
CA PHE A 66 0.73 4.81 -6.92
C PHE A 66 -0.47 4.41 -7.80
N GLU A 67 -0.26 4.43 -9.11
CA GLU A 67 -1.27 4.06 -10.10
C GLU A 67 -1.97 2.75 -9.70
N GLU A 68 -1.18 1.73 -9.35
CA GLU A 68 -1.63 0.41 -8.93
C GLU A 68 -2.16 0.48 -7.49
N PHE A 69 -1.42 1.18 -6.61
CA PHE A 69 -1.78 1.36 -5.20
C PHE A 69 -3.26 1.69 -5.04
N GLN A 70 -3.77 2.61 -5.86
CA GLN A 70 -5.18 3.00 -5.85
C GLN A 70 -6.11 1.79 -5.71
N VAL A 71 -5.85 0.71 -6.45
CA VAL A 71 -6.67 -0.50 -6.41
C VAL A 71 -6.67 -1.08 -5.00
N LEU A 72 -5.51 -1.10 -4.34
CA LEU A 72 -5.40 -1.61 -2.98
C LEU A 72 -6.11 -0.64 -2.04
N VAL A 73 -5.94 0.67 -2.26
CA VAL A 73 -6.60 1.70 -1.46
C VAL A 73 -8.11 1.43 -1.42
N LYS A 74 -8.72 1.11 -2.57
CA LYS A 74 -10.14 0.79 -2.62
C LYS A 74 -10.55 -0.33 -1.65
N LYS A 75 -9.62 -1.20 -1.24
CA LYS A 75 -9.89 -2.31 -0.33
C LYS A 75 -9.69 -1.93 1.14
N ILE A 76 -9.17 -0.73 1.44
CA ILE A 76 -8.92 -0.27 2.80
C ILE A 76 -10.24 -0.35 3.58
N SER A 77 -10.30 -1.31 4.50
CA SER A 77 -11.49 -1.60 5.30
C SER A 77 -12.72 -1.77 4.40
N GLN A 78 -12.52 -2.39 3.23
CA GLN A 78 -13.54 -2.68 2.21
C GLN A 78 -13.84 -1.42 1.37
N SER A 1 -16.11 3.62 3.16
CA SER A 1 -15.36 3.91 4.38
C SER A 1 -14.73 5.30 4.29
N ALA A 2 -14.39 5.91 5.42
CA ALA A 2 -13.79 7.23 5.46
C ALA A 2 -12.34 7.19 4.99
N GLN A 3 -12.13 6.97 3.69
CA GLN A 3 -10.80 6.91 3.12
C GLN A 3 -10.11 8.26 3.28
N LYS A 4 -8.84 8.25 3.71
CA LYS A 4 -8.06 9.48 3.83
C LYS A 4 -7.89 10.04 2.41
N SER A 5 -7.75 11.35 2.29
CA SER A 5 -7.63 11.99 0.99
C SER A 5 -6.39 11.49 0.24
N PRO A 6 -6.46 11.37 -1.10
CA PRO A 6 -5.34 10.93 -1.93
C PRO A 6 -4.02 11.57 -1.52
N ALA A 7 -4.00 12.90 -1.33
CA ALA A 7 -2.79 13.63 -0.95
C ALA A 7 -2.15 13.11 0.33
N GLU A 8 -2.99 12.84 1.31
CA GLU A 8 -2.57 12.33 2.62
C GLU A 8 -1.94 10.96 2.40
N LEU A 9 -2.69 10.08 1.72
CA LEU A 9 -2.23 8.75 1.41
C LEU A 9 -0.90 8.78 0.68
N LYS A 10 -0.81 9.67 -0.29
CA LYS A 10 0.35 9.90 -1.13
C LYS A 10 1.53 10.36 -0.27
N SER A 11 1.31 11.26 0.69
CA SER A 11 2.37 11.71 1.59
C SER A 11 2.93 10.54 2.40
N ILE A 12 2.06 9.79 3.08
CA ILE A 12 2.48 8.65 3.89
C ILE A 12 3.22 7.66 2.99
N PHE A 13 2.61 7.33 1.86
CA PHE A 13 3.14 6.45 0.84
C PHE A 13 4.57 6.89 0.45
N GLU A 14 4.74 8.17 0.12
CA GLU A 14 6.04 8.73 -0.25
C GLU A 14 7.05 8.53 0.86
N LYS A 15 6.66 8.78 2.12
CA LYS A 15 7.56 8.61 3.26
C LYS A 15 8.14 7.18 3.26
N TYR A 16 7.33 6.18 2.90
CA TYR A 16 7.80 4.80 2.83
C TYR A 16 8.65 4.62 1.59
N ALA A 17 8.04 4.89 0.43
CA ALA A 17 8.65 4.75 -0.88
C ALA A 17 10.05 5.36 -0.97
N ALA A 18 10.28 6.48 -0.27
CA ALA A 18 11.57 7.15 -0.24
C ALA A 18 12.72 6.24 0.19
N LYS A 19 12.44 5.10 0.84
CA LYS A 19 13.47 4.14 1.20
C LYS A 19 14.01 3.45 -0.06
N GLU A 20 13.22 3.41 -1.14
CA GLU A 20 13.56 2.80 -2.42
C GLU A 20 14.21 3.85 -3.32
N GLY A 21 14.71 3.41 -4.49
CA GLY A 21 15.37 4.28 -5.46
C GLY A 21 14.53 5.50 -5.84
N ASP A 22 13.31 5.27 -6.32
CA ASP A 22 12.38 6.33 -6.73
C ASP A 22 11.33 6.53 -5.63
N PRO A 23 11.19 7.73 -5.06
CA PRO A 23 10.27 8.00 -3.96
C PRO A 23 8.81 8.07 -4.44
N ASN A 24 8.28 7.00 -5.06
CA ASN A 24 6.89 7.00 -5.50
C ASN A 24 6.27 5.62 -5.74
N GLN A 25 6.77 4.58 -5.06
CA GLN A 25 6.26 3.22 -5.09
C GLN A 25 6.75 2.52 -3.85
N LEU A 26 6.06 1.45 -3.41
CA LEU A 26 6.60 0.61 -2.37
C LEU A 26 6.54 -0.86 -2.82
N SER A 27 7.54 -1.66 -2.44
CA SER A 27 7.59 -3.10 -2.71
C SER A 27 6.72 -3.84 -1.70
N LYS A 28 6.76 -5.17 -1.77
CA LYS A 28 5.99 -6.10 -0.95
C LYS A 28 6.18 -5.82 0.55
N GLU A 29 7.43 -5.87 1.03
CA GLU A 29 7.74 -5.68 2.44
C GLU A 29 7.33 -4.28 2.92
N GLU A 30 7.49 -3.27 2.06
CA GLU A 30 7.10 -1.91 2.41
C GLU A 30 5.58 -1.86 2.52
N LEU A 31 4.84 -2.46 1.57
CA LEU A 31 3.40 -2.53 1.68
C LEU A 31 3.04 -3.20 2.99
N LYS A 32 3.61 -4.38 3.30
CA LYS A 32 3.30 -5.08 4.55
C LYS A 32 3.36 -4.10 5.71
N GLN A 33 4.51 -3.45 5.88
CA GLN A 33 4.68 -2.48 6.95
C GLN A 33 3.56 -1.44 6.90
N LEU A 34 3.34 -0.83 5.74
CA LEU A 34 2.28 0.15 5.53
C LEU A 34 0.93 -0.33 6.05
N ILE A 35 0.58 -1.55 5.65
CA ILE A 35 -0.67 -2.18 6.02
C ILE A 35 -0.77 -2.36 7.51
N GLN A 36 0.24 -2.97 8.10
CA GLN A 36 0.27 -3.21 9.54
C GLN A 36 0.16 -1.89 10.30
N ALA A 37 0.84 -0.84 9.82
CA ALA A 37 0.82 0.45 10.46
C ALA A 37 -0.52 1.18 10.32
N GLU A 38 -0.98 1.42 9.09
CA GLU A 38 -2.19 2.17 8.81
C GLU A 38 -3.48 1.36 8.83
N PHE A 39 -3.47 0.12 8.34
CA PHE A 39 -4.68 -0.70 8.20
C PHE A 39 -4.53 -2.12 8.73
N PRO A 40 -4.18 -2.31 10.01
CA PRO A 40 -4.00 -3.63 10.61
C PRO A 40 -5.29 -4.45 10.59
N SER A 41 -6.11 -4.18 11.59
CA SER A 41 -7.40 -4.78 11.87
C SER A 41 -8.25 -5.00 10.61
N LEU A 42 -8.21 -4.04 9.69
CA LEU A 42 -8.98 -4.09 8.46
C LEU A 42 -8.61 -5.29 7.58
N LEU A 43 -7.37 -5.79 7.66
CA LEU A 43 -6.92 -6.95 6.88
C LEU A 43 -6.41 -8.11 7.73
N LYS A 44 -6.20 -7.89 9.03
CA LYS A 44 -5.76 -8.92 9.97
C LYS A 44 -6.94 -9.86 10.27
N GLY A 45 -7.32 -10.67 9.29
CA GLY A 45 -8.41 -11.64 9.38
C GLY A 45 -8.35 -12.51 8.12
N PRO A 46 -9.36 -13.37 7.89
CA PRO A 46 -9.42 -14.23 6.72
C PRO A 46 -9.80 -13.41 5.48
N ARG A 47 -8.91 -12.50 5.09
CA ARG A 47 -9.05 -11.58 3.98
C ARG A 47 -7.70 -11.50 3.26
N THR A 48 -7.67 -10.89 2.07
CA THR A 48 -6.51 -10.74 1.21
C THR A 48 -5.45 -9.80 1.82
N LEU A 49 -4.85 -10.17 2.96
CA LEU A 49 -3.83 -9.35 3.58
C LEU A 49 -2.69 -9.10 2.60
N ASP A 50 -2.25 -10.15 1.89
CA ASP A 50 -1.23 -10.04 0.89
C ASP A 50 -1.27 -11.18 -0.12
N ASP A 51 -1.94 -10.84 -1.20
CA ASP A 51 -2.17 -11.61 -2.41
C ASP A 51 -2.44 -10.60 -3.53
N LEU A 52 -3.55 -9.85 -3.46
CA LEU A 52 -3.82 -8.82 -4.48
C LEU A 52 -2.67 -7.81 -4.40
N PHE A 53 -2.30 -7.52 -3.16
CA PHE A 53 -1.19 -6.69 -2.73
C PHE A 53 0.05 -7.04 -3.56
N GLN A 54 0.34 -8.34 -3.69
CA GLN A 54 1.50 -8.81 -4.42
C GLN A 54 1.33 -8.50 -5.90
N GLU A 55 0.18 -8.82 -6.47
CA GLU A 55 -0.10 -8.54 -7.88
C GLU A 55 0.14 -7.04 -8.18
N LEU A 56 -0.24 -6.18 -7.24
CA LEU A 56 -0.05 -4.74 -7.36
C LEU A 56 1.42 -4.30 -7.47
N ASP A 57 2.40 -5.14 -7.09
CA ASP A 57 3.84 -4.83 -7.23
C ASP A 57 4.15 -4.98 -8.73
N LYS A 58 3.61 -4.10 -9.58
CA LYS A 58 3.81 -4.20 -11.02
C LYS A 58 5.30 -4.08 -11.36
N ASN A 59 5.83 -5.10 -12.04
CA ASN A 59 7.25 -5.14 -12.39
C ASN A 59 7.62 -4.06 -13.40
N GLY A 60 6.68 -3.70 -14.29
CA GLY A 60 6.89 -2.66 -15.28
C GLY A 60 7.32 -1.35 -14.60
N ASP A 61 6.64 -1.00 -13.51
CA ASP A 61 6.93 0.19 -12.72
C ASP A 61 8.08 -0.12 -11.75
N GLY A 62 8.03 -1.32 -11.19
CA GLY A 62 8.98 -1.87 -10.23
C GLY A 62 8.20 -2.52 -9.11
N GLU A 63 7.39 -1.73 -8.42
CA GLU A 63 6.57 -2.10 -7.28
C GLU A 63 5.15 -1.51 -7.38
N VAL A 64 4.55 -1.18 -6.23
CA VAL A 64 3.21 -0.63 -6.11
C VAL A 64 3.25 0.88 -6.24
N SER A 65 3.06 1.38 -7.46
CA SER A 65 2.98 2.81 -7.73
C SER A 65 1.76 3.42 -7.03
N PHE A 66 1.69 4.75 -6.96
CA PHE A 66 0.60 5.44 -6.27
C PHE A 66 -0.77 4.94 -6.72
N GLU A 67 -1.00 4.84 -8.03
CA GLU A 67 -2.26 4.35 -8.56
C GLU A 67 -2.58 2.96 -7.98
N GLU A 68 -1.60 2.06 -8.00
CA GLU A 68 -1.72 0.71 -7.48
C GLU A 68 -2.07 0.77 -6.00
N PHE A 69 -1.37 1.63 -5.26
CA PHE A 69 -1.65 1.80 -3.84
C PHE A 69 -3.09 2.26 -3.63
N GLN A 70 -3.54 3.29 -4.34
CA GLN A 70 -4.93 3.73 -4.21
C GLN A 70 -5.88 2.58 -4.52
N VAL A 71 -5.59 1.78 -5.55
CA VAL A 71 -6.40 0.61 -5.89
C VAL A 71 -6.46 -0.31 -4.67
N LEU A 72 -5.31 -0.60 -4.05
CA LEU A 72 -5.26 -1.44 -2.84
C LEU A 72 -6.20 -0.85 -1.80
N VAL A 73 -5.99 0.43 -1.47
CA VAL A 73 -6.77 1.15 -0.49
C VAL A 73 -8.27 0.98 -0.77
N LYS A 74 -8.72 1.22 -2.01
CA LYS A 74 -10.12 1.04 -2.35
C LYS A 74 -10.54 -0.39 -1.98
N LYS A 75 -9.77 -1.39 -2.45
CA LYS A 75 -10.06 -2.79 -2.17
C LYS A 75 -10.06 -3.14 -0.67
N ILE A 76 -9.55 -2.29 0.23
CA ILE A 76 -9.63 -2.58 1.67
C ILE A 76 -11.13 -2.72 2.02
N SER A 77 -11.97 -1.89 1.39
CA SER A 77 -13.41 -1.88 1.64
C SER A 77 -14.10 -1.16 0.48
N GLN A 78 -14.43 0.12 0.67
CA GLN A 78 -15.13 0.90 -0.32
C GLN A 78 -14.87 2.39 -0.10
N SER A 1 -13.81 6.66 5.70
CA SER A 1 -12.58 6.36 6.44
C SER A 1 -11.79 7.67 6.58
N ALA A 2 -10.48 7.62 6.85
CA ALA A 2 -9.66 8.82 6.98
C ALA A 2 -9.28 9.40 5.60
N GLN A 3 -10.24 9.65 4.71
CA GLN A 3 -9.95 10.25 3.41
C GLN A 3 -9.72 11.76 3.61
N LYS A 4 -8.64 12.12 4.32
CA LYS A 4 -8.31 13.51 4.62
C LYS A 4 -8.07 14.34 3.37
N SER A 5 -7.37 13.73 2.43
CA SER A 5 -7.00 14.29 1.13
C SER A 5 -6.08 13.30 0.41
N PRO A 6 -6.13 13.24 -0.93
CA PRO A 6 -5.24 12.40 -1.70
C PRO A 6 -3.79 12.81 -1.43
N ALA A 7 -3.53 14.12 -1.26
CA ALA A 7 -2.19 14.61 -0.99
C ALA A 7 -1.67 14.09 0.35
N GLU A 8 -2.59 13.99 1.29
CA GLU A 8 -2.32 13.49 2.63
C GLU A 8 -1.99 11.99 2.51
N LEU A 9 -2.86 11.24 1.81
CA LEU A 9 -2.63 9.82 1.58
C LEU A 9 -1.30 9.58 0.89
N LYS A 10 -0.99 10.47 -0.05
CA LYS A 10 0.27 10.45 -0.78
C LYS A 10 1.41 10.69 0.21
N SER A 11 1.31 11.71 1.07
CA SER A 11 2.33 11.99 2.08
C SER A 11 2.58 10.72 2.92
N ILE A 12 1.50 10.07 3.37
CA ILE A 12 1.62 8.83 4.14
C ILE A 12 2.37 7.80 3.30
N PHE A 13 1.87 7.49 2.10
CA PHE A 13 2.47 6.54 1.17
C PHE A 13 3.98 6.78 1.01
N GLU A 14 4.36 8.03 0.79
CA GLU A 14 5.73 8.45 0.61
C GLU A 14 6.61 8.01 1.79
N LYS A 15 6.08 7.95 3.02
CA LYS A 15 6.85 7.54 4.19
C LYS A 15 7.54 6.19 3.94
N TYR A 16 6.82 5.25 3.32
CA TYR A 16 7.38 3.93 3.03
C TYR A 16 8.04 3.96 1.66
N ALA A 17 7.33 4.46 0.63
CA ALA A 17 7.85 4.47 -0.73
C ALA A 17 9.25 5.10 -0.82
N ALA A 18 9.47 6.23 -0.14
CA ALA A 18 10.75 6.92 -0.12
C ALA A 18 11.93 5.99 0.21
N LYS A 19 11.71 4.90 0.97
CA LYS A 19 12.79 3.98 1.31
C LYS A 19 13.45 3.40 0.05
N GLU A 20 12.69 3.31 -1.05
CA GLU A 20 13.16 2.80 -2.33
C GLU A 20 13.83 3.88 -3.17
N GLY A 21 13.90 5.11 -2.66
CA GLY A 21 14.45 6.24 -3.38
C GLY A 21 13.30 6.80 -4.21
N ASP A 22 12.75 5.98 -5.10
CA ASP A 22 11.59 6.32 -5.92
C ASP A 22 10.40 6.48 -4.95
N PRO A 23 9.84 7.69 -4.78
CA PRO A 23 8.76 7.90 -3.83
C PRO A 23 7.40 7.44 -4.37
N ASN A 24 7.32 6.90 -5.60
CA ASN A 24 6.05 6.51 -6.22
C ASN A 24 5.68 5.03 -6.07
N GLN A 25 6.46 4.20 -5.39
CA GLN A 25 6.08 2.81 -5.19
C GLN A 25 6.48 2.32 -3.83
N LEU A 26 5.78 1.27 -3.38
CA LEU A 26 6.16 0.56 -2.20
C LEU A 26 6.06 -0.93 -2.49
N SER A 27 7.13 -1.67 -2.16
CA SER A 27 7.22 -3.10 -2.39
C SER A 27 6.71 -3.88 -1.17
N LYS A 28 6.69 -5.22 -1.27
CA LYS A 28 6.27 -6.14 -0.21
C LYS A 28 6.61 -5.66 1.20
N GLU A 29 7.88 -5.29 1.42
CA GLU A 29 8.38 -4.84 2.72
C GLU A 29 7.63 -3.58 3.18
N GLU A 30 7.69 -2.54 2.36
CA GLU A 30 7.05 -1.25 2.63
C GLU A 30 5.57 -1.47 2.89
N LEU A 31 4.92 -2.27 2.03
CA LEU A 31 3.51 -2.60 2.12
C LEU A 31 3.22 -3.28 3.45
N LYS A 32 3.99 -4.32 3.81
CA LYS A 32 3.79 -5.01 5.06
C LYS A 32 3.84 -4.00 6.20
N GLN A 33 4.88 -3.16 6.23
CA GLN A 33 4.99 -2.17 7.29
C GLN A 33 3.74 -1.28 7.30
N LEU A 34 3.36 -0.76 6.13
CA LEU A 34 2.15 0.05 5.97
C LEU A 34 0.97 -0.63 6.65
N ILE A 35 0.72 -1.87 6.26
CA ILE A 35 -0.36 -2.67 6.81
C ILE A 35 -0.27 -2.75 8.33
N GLN A 36 0.82 -3.36 8.77
CA GLN A 36 1.13 -3.67 10.16
C GLN A 36 1.01 -2.45 11.09
N ALA A 37 1.47 -1.28 10.64
CA ALA A 37 1.48 -0.07 11.44
C ALA A 37 0.24 0.80 11.24
N GLU A 38 -0.15 1.03 9.98
CA GLU A 38 -1.24 1.93 9.65
C GLU A 38 -2.63 1.33 9.88
N PHE A 39 -2.86 0.05 9.57
CA PHE A 39 -4.18 -0.53 9.76
C PHE A 39 -4.18 -2.06 9.91
N PRO A 40 -3.52 -2.59 10.95
CA PRO A 40 -3.50 -4.02 11.20
C PRO A 40 -4.91 -4.53 11.48
N SER A 41 -5.61 -3.73 12.28
CA SER A 41 -6.96 -3.89 12.78
C SER A 41 -7.94 -4.33 11.69
N LEU A 42 -7.87 -3.70 10.51
CA LEU A 42 -8.75 -4.03 9.40
C LEU A 42 -8.59 -5.49 9.01
N LEU A 43 -7.39 -6.06 9.12
CA LEU A 43 -7.15 -7.46 8.78
C LEU A 43 -7.53 -8.34 9.97
N LYS A 44 -8.79 -8.23 10.39
CA LYS A 44 -9.37 -9.05 11.46
C LYS A 44 -9.67 -10.45 10.91
N GLY A 45 -8.60 -11.12 10.47
CA GLY A 45 -8.58 -12.43 9.85
C GLY A 45 -7.49 -12.38 8.76
N PRO A 46 -6.89 -13.53 8.41
CA PRO A 46 -5.81 -13.59 7.43
C PRO A 46 -6.35 -13.42 6.00
N ARG A 47 -6.90 -12.24 5.69
CA ARG A 47 -7.43 -11.93 4.37
C ARG A 47 -6.45 -11.06 3.59
N THR A 48 -6.17 -11.43 2.34
CA THR A 48 -5.26 -10.76 1.44
C THR A 48 -3.82 -10.62 1.90
N LEU A 49 -3.63 -9.63 2.76
CA LEU A 49 -2.39 -9.06 3.26
C LEU A 49 -1.46 -8.69 2.10
N ASP A 50 -1.00 -9.64 1.30
CA ASP A 50 -0.11 -9.43 0.15
C ASP A 50 -0.58 -10.15 -1.12
N ASP A 51 -1.60 -10.99 -1.07
CA ASP A 51 -2.10 -11.69 -2.26
C ASP A 51 -2.29 -10.75 -3.45
N LEU A 52 -3.16 -9.74 -3.34
CA LEU A 52 -3.36 -8.81 -4.44
C LEU A 52 -2.11 -7.97 -4.69
N PHE A 53 -1.40 -7.57 -3.62
CA PHE A 53 -0.14 -6.84 -3.73
C PHE A 53 0.82 -7.54 -4.69
N GLN A 54 0.91 -8.86 -4.60
CA GLN A 54 1.75 -9.64 -5.50
C GLN A 54 1.27 -9.49 -6.95
N GLU A 55 -0.04 -9.42 -7.18
CA GLU A 55 -0.58 -9.24 -8.53
C GLU A 55 -0.25 -7.82 -9.02
N LEU A 56 -0.30 -6.84 -8.11
CA LEU A 56 -0.01 -5.44 -8.37
C LEU A 56 1.51 -5.15 -8.49
N ASP A 57 2.33 -6.14 -8.85
CA ASP A 57 3.78 -6.01 -8.94
C ASP A 57 4.25 -5.34 -10.24
N LYS A 58 4.21 -4.01 -10.29
CA LYS A 58 4.67 -3.16 -11.39
C LYS A 58 5.72 -3.82 -12.30
N ASN A 59 6.91 -4.11 -11.75
CA ASN A 59 8.03 -4.67 -12.50
C ASN A 59 8.13 -6.19 -12.41
N GLY A 60 6.99 -6.89 -12.33
CA GLY A 60 6.95 -8.35 -12.27
C GLY A 60 7.81 -8.93 -11.14
N ASP A 61 7.74 -8.32 -9.95
CA ASP A 61 8.47 -8.74 -8.77
C ASP A 61 7.56 -8.69 -7.54
N GLY A 62 7.46 -7.53 -6.89
CA GLY A 62 6.63 -7.32 -5.72
C GLY A 62 6.64 -5.85 -5.34
N GLU A 63 6.48 -5.00 -6.37
CA GLU A 63 6.52 -3.55 -6.36
C GLU A 63 5.16 -2.95 -6.65
N VAL A 64 4.49 -2.31 -5.69
CA VAL A 64 3.19 -1.73 -5.94
C VAL A 64 3.34 -0.21 -6.09
N SER A 65 3.20 0.27 -7.32
CA SER A 65 3.29 1.70 -7.63
C SER A 65 2.00 2.39 -7.18
N PHE A 66 2.01 3.71 -6.97
CA PHE A 66 0.81 4.43 -6.56
C PHE A 66 -0.39 4.08 -7.44
N GLU A 67 -0.15 4.08 -8.76
CA GLU A 67 -1.11 3.75 -9.81
C GLU A 67 -1.78 2.39 -9.60
N GLU A 68 -1.10 1.47 -8.90
CA GLU A 68 -1.60 0.13 -8.61
C GLU A 68 -2.20 0.11 -7.20
N PHE A 69 -1.45 0.66 -6.23
CA PHE A 69 -1.80 0.77 -4.82
C PHE A 69 -3.24 1.24 -4.62
N GLN A 70 -3.70 2.17 -5.45
CA GLN A 70 -5.07 2.67 -5.40
C GLN A 70 -6.11 1.54 -5.30
N VAL A 71 -5.84 0.34 -5.82
CA VAL A 71 -6.74 -0.80 -5.70
C VAL A 71 -7.02 -1.09 -4.22
N LEU A 72 -5.98 -1.03 -3.37
CA LEU A 72 -6.10 -1.25 -1.94
C LEU A 72 -6.92 -0.10 -1.36
N VAL A 73 -6.56 1.14 -1.73
CA VAL A 73 -7.25 2.33 -1.25
C VAL A 73 -8.75 2.23 -1.56
N LYS A 74 -9.11 1.72 -2.75
CA LYS A 74 -10.50 1.56 -3.15
C LYS A 74 -11.26 0.75 -2.10
N LYS A 75 -10.87 -0.51 -1.89
CA LYS A 75 -11.56 -1.37 -0.92
C LYS A 75 -11.45 -0.83 0.52
N ILE A 76 -10.25 -0.46 0.97
CA ILE A 76 -10.10 0.07 2.33
C ILE A 76 -10.99 1.31 2.52
N SER A 77 -11.19 2.11 1.46
CA SER A 77 -12.07 3.27 1.52
C SER A 77 -13.56 2.90 1.47
N GLN A 78 -13.94 1.68 1.86
CA GLN A 78 -15.32 1.24 1.94
C GLN A 78 -16.01 1.30 0.58
N SER A 1 -2.60 8.35 13.16
CA SER A 1 -2.13 7.24 12.34
C SER A 1 -3.26 6.82 11.42
N ALA A 2 -2.96 6.17 10.29
CA ALA A 2 -3.93 5.73 9.29
C ALA A 2 -4.43 6.92 8.49
N GLN A 3 -5.10 7.87 9.17
CA GLN A 3 -5.65 9.08 8.57
C GLN A 3 -6.76 8.70 7.56
N LYS A 4 -7.39 9.69 6.94
CA LYS A 4 -8.47 9.47 5.96
C LYS A 4 -8.40 10.36 4.73
N SER A 5 -7.66 11.45 4.79
CA SER A 5 -7.53 12.38 3.69
C SER A 5 -6.63 11.77 2.59
N PRO A 6 -6.93 12.01 1.30
CA PRO A 6 -6.10 11.47 0.23
C PRO A 6 -4.67 11.99 0.37
N ALA A 7 -4.51 13.29 0.61
CA ALA A 7 -3.20 13.91 0.79
C ALA A 7 -2.38 13.25 1.89
N GLU A 8 -3.08 12.85 2.95
CA GLU A 8 -2.49 12.18 4.09
C GLU A 8 -1.99 10.82 3.64
N LEU A 9 -2.86 10.01 3.01
CA LEU A 9 -2.45 8.70 2.52
C LEU A 9 -1.24 8.81 1.60
N LYS A 10 -1.34 9.78 0.70
CA LYS A 10 -0.30 10.11 -0.26
C LYS A 10 0.98 10.42 0.51
N SER A 11 0.90 11.22 1.58
CA SER A 11 2.05 11.53 2.40
C SER A 11 2.67 10.24 2.95
N ILE A 12 1.86 9.34 3.55
CA ILE A 12 2.42 8.08 4.09
C ILE A 12 3.19 7.36 2.98
N PHE A 13 2.51 7.17 1.84
CA PHE A 13 3.05 6.51 0.68
C PHE A 13 4.40 7.12 0.31
N GLU A 14 4.41 8.44 0.05
CA GLU A 14 5.61 9.17 -0.33
C GLU A 14 6.71 9.01 0.70
N LYS A 15 6.40 9.16 2.00
CA LYS A 15 7.40 9.02 3.05
C LYS A 15 8.11 7.67 2.96
N TYR A 16 7.38 6.58 2.73
CA TYR A 16 8.00 5.26 2.65
C TYR A 16 8.73 5.14 1.30
N ALA A 17 7.98 5.34 0.21
CA ALA A 17 8.45 5.25 -1.16
C ALA A 17 9.75 6.04 -1.37
N ALA A 18 9.86 7.22 -0.76
CA ALA A 18 11.04 8.06 -0.86
C ALA A 18 12.28 7.39 -0.25
N LYS A 19 12.14 6.70 0.89
CA LYS A 19 13.29 6.09 1.54
C LYS A 19 13.64 4.70 1.00
N GLU A 20 12.63 3.92 0.58
CA GLU A 20 12.84 2.56 0.09
C GLU A 20 12.12 2.33 -1.23
N GLY A 21 12.64 1.40 -2.04
CA GLY A 21 12.06 1.05 -3.32
C GLY A 21 12.34 2.14 -4.36
N ASP A 22 11.52 3.19 -4.38
CA ASP A 22 11.60 4.30 -5.32
C ASP A 22 10.46 5.27 -4.94
N PRO A 23 10.66 6.60 -5.04
CA PRO A 23 9.66 7.60 -4.67
C PRO A 23 8.24 7.35 -5.17
N ASN A 24 8.04 6.69 -6.31
CA ASN A 24 6.72 6.42 -6.86
C ASN A 24 6.24 5.00 -6.55
N GLN A 25 6.83 4.29 -5.57
CA GLN A 25 6.37 2.94 -5.24
C GLN A 25 6.61 2.54 -3.83
N LEU A 26 5.93 1.46 -3.44
CA LEU A 26 6.22 0.80 -2.19
C LEU A 26 6.64 -0.62 -2.54
N SER A 27 7.78 -1.06 -2.02
CA SER A 27 8.26 -2.43 -2.22
C SER A 27 7.63 -3.32 -1.16
N LYS A 28 7.77 -4.64 -1.29
CA LYS A 28 7.24 -5.63 -0.35
C LYS A 28 7.36 -5.22 1.13
N GLU A 29 8.56 -4.85 1.56
CA GLU A 29 8.81 -4.47 2.94
C GLU A 29 7.96 -3.26 3.35
N GLU A 30 7.95 -2.25 2.50
CA GLU A 30 7.21 -1.02 2.75
C GLU A 30 5.72 -1.32 2.83
N LEU A 31 5.22 -2.09 1.85
CA LEU A 31 3.82 -2.48 1.81
C LEU A 31 3.49 -3.22 3.09
N LYS A 32 4.26 -4.25 3.42
CA LYS A 32 4.13 -5.06 4.63
C LYS A 32 4.03 -4.13 5.85
N GLN A 33 4.90 -3.12 5.92
CA GLN A 33 4.84 -2.19 7.04
C GLN A 33 3.50 -1.45 7.00
N LEU A 34 3.20 -0.69 5.92
CA LEU A 34 1.92 0.03 5.77
C LEU A 34 0.71 -0.80 6.18
N ILE A 35 0.68 -2.00 5.63
CA ILE A 35 -0.34 -3.03 5.80
C ILE A 35 -0.64 -3.22 7.28
N GLN A 36 0.38 -3.64 8.01
CA GLN A 36 0.27 -3.91 9.44
C GLN A 36 0.00 -2.64 10.24
N ALA A 37 0.84 -1.62 10.01
CA ALA A 37 0.81 -0.36 10.72
C ALA A 37 -0.50 0.41 10.61
N GLU A 38 -1.18 0.36 9.46
CA GLU A 38 -2.40 1.15 9.26
C GLU A 38 -3.59 0.44 8.62
N PHE A 39 -3.38 -0.28 7.52
CA PHE A 39 -4.52 -0.82 6.76
C PHE A 39 -4.30 -2.24 6.24
N PRO A 40 -4.51 -3.28 7.06
CA PRO A 40 -4.33 -4.67 6.66
C PRO A 40 -5.47 -5.18 5.76
N SER A 41 -5.86 -4.38 4.74
CA SER A 41 -6.93 -4.64 3.79
C SER A 41 -8.17 -5.31 4.42
N LEU A 42 -8.44 -4.96 5.68
CA LEU A 42 -9.50 -5.51 6.51
C LEU A 42 -9.64 -7.03 6.33
N LEU A 43 -8.50 -7.71 6.10
CA LEU A 43 -8.38 -9.14 5.86
C LEU A 43 -9.54 -9.71 5.05
N LYS A 44 -9.94 -9.03 3.97
CA LYS A 44 -11.05 -9.49 3.13
C LYS A 44 -10.69 -10.76 2.36
N GLY A 45 -11.70 -11.44 1.81
CA GLY A 45 -11.50 -12.67 1.03
C GLY A 45 -10.82 -13.74 1.89
N PRO A 46 -9.89 -14.53 1.34
CA PRO A 46 -9.19 -15.56 2.10
C PRO A 46 -8.08 -14.93 2.95
N ARG A 47 -8.46 -14.10 3.93
CA ARG A 47 -7.52 -13.41 4.83
C ARG A 47 -6.49 -12.64 4.01
N THR A 48 -6.95 -11.80 3.07
CA THR A 48 -6.07 -11.07 2.19
C THR A 48 -5.23 -10.01 2.87
N LEU A 49 -4.14 -10.45 3.49
CA LEU A 49 -3.13 -9.53 3.94
C LEU A 49 -2.21 -9.29 2.73
N ASP A 50 -2.15 -10.26 1.79
CA ASP A 50 -1.26 -10.17 0.64
C ASP A 50 -1.77 -10.59 -0.74
N ASP A 51 -2.83 -11.40 -0.89
CA ASP A 51 -3.30 -11.78 -2.23
C ASP A 51 -3.34 -10.59 -3.21
N LEU A 52 -4.07 -9.52 -2.86
CA LEU A 52 -4.14 -8.32 -3.71
C LEU A 52 -2.78 -7.67 -3.89
N PHE A 53 -1.98 -7.60 -2.82
CA PHE A 53 -0.63 -7.03 -2.82
C PHE A 53 0.15 -7.72 -3.95
N GLN A 54 0.10 -9.05 -3.97
CA GLN A 54 0.76 -9.86 -4.98
C GLN A 54 0.16 -9.57 -6.36
N GLU A 55 -1.17 -9.55 -6.49
CA GLU A 55 -1.77 -9.23 -7.80
C GLU A 55 -1.25 -7.89 -8.33
N LEU A 56 -1.02 -6.91 -7.43
CA LEU A 56 -0.51 -5.59 -7.77
C LEU A 56 1.01 -5.54 -7.95
N ASP A 57 1.74 -6.56 -7.49
CA ASP A 57 3.19 -6.69 -7.57
C ASP A 57 3.62 -6.93 -9.02
N LYS A 58 3.56 -5.87 -9.84
CA LYS A 58 3.96 -5.94 -11.24
C LYS A 58 5.27 -6.70 -11.50
N ASN A 59 6.30 -6.51 -10.67
CA ASN A 59 7.59 -7.16 -10.88
C ASN A 59 7.65 -8.62 -10.40
N GLY A 60 6.58 -9.14 -9.81
CA GLY A 60 6.52 -10.52 -9.33
C GLY A 60 7.54 -10.84 -8.23
N ASP A 61 8.02 -9.82 -7.52
CA ASP A 61 8.98 -9.93 -6.43
C ASP A 61 8.44 -9.20 -5.20
N GLY A 62 7.96 -7.97 -5.38
CA GLY A 62 7.38 -7.17 -4.30
C GLY A 62 7.52 -5.69 -4.64
N GLU A 63 6.72 -5.22 -5.60
CA GLU A 63 6.75 -3.87 -6.13
C GLU A 63 5.35 -3.33 -6.46
N VAL A 64 4.83 -2.40 -5.67
CA VAL A 64 3.53 -1.82 -5.97
C VAL A 64 3.70 -0.31 -6.11
N SER A 65 3.80 0.13 -7.36
CA SER A 65 3.90 1.52 -7.77
C SER A 65 2.62 2.25 -7.36
N PHE A 66 2.67 3.57 -7.18
CA PHE A 66 1.49 4.37 -6.80
C PHE A 66 0.27 3.98 -7.62
N GLU A 67 0.46 3.95 -8.93
CA GLU A 67 -0.57 3.64 -9.92
C GLU A 67 -1.35 2.38 -9.51
N GLU A 68 -0.65 1.32 -9.11
CA GLU A 68 -1.23 0.05 -8.70
C GLU A 68 -1.73 0.17 -7.26
N PHE A 69 -0.96 0.83 -6.37
CA PHE A 69 -1.31 1.05 -4.98
C PHE A 69 -2.73 1.63 -4.85
N GLN A 70 -3.11 2.53 -5.77
CA GLN A 70 -4.45 3.09 -5.83
C GLN A 70 -5.52 2.00 -5.69
N VAL A 71 -5.32 0.83 -6.29
CA VAL A 71 -6.28 -0.27 -6.24
C VAL A 71 -6.38 -0.79 -4.80
N LEU A 72 -5.23 -0.93 -4.12
CA LEU A 72 -5.20 -1.38 -2.73
C LEU A 72 -6.01 -0.37 -1.92
N VAL A 73 -5.60 0.90 -2.00
CA VAL A 73 -6.26 2.00 -1.30
C VAL A 73 -7.77 2.01 -1.57
N LYS A 74 -8.18 1.85 -2.83
CA LYS A 74 -9.59 1.82 -3.19
C LYS A 74 -10.35 0.81 -2.34
N LYS A 75 -9.79 -0.39 -2.14
CA LYS A 75 -10.43 -1.40 -1.32
C LYS A 75 -10.51 -0.97 0.15
N ILE A 76 -9.63 -0.06 0.60
CA ILE A 76 -9.69 0.48 1.96
C ILE A 76 -10.90 1.41 2.02
N SER A 77 -10.95 2.35 1.07
CA SER A 77 -11.97 3.39 0.93
C SER A 77 -11.85 4.43 2.05
N GLN A 78 -12.34 5.64 1.75
CA GLN A 78 -12.27 6.79 2.64
C GLN A 78 -13.64 7.03 3.30
N SER A 1 -7.89 15.85 10.15
CA SER A 1 -7.69 16.37 8.80
C SER A 1 -9.02 16.91 8.31
N ALA A 2 -9.04 17.61 7.17
CA ALA A 2 -10.28 18.11 6.57
C ALA A 2 -10.88 16.96 5.76
N GLN A 3 -11.57 17.26 4.65
CA GLN A 3 -12.14 16.23 3.79
C GLN A 3 -11.01 15.32 3.32
N LYS A 4 -11.12 14.01 3.58
CA LYS A 4 -10.11 13.05 3.18
C LYS A 4 -9.84 13.20 1.69
N SER A 5 -8.57 13.43 1.36
CA SER A 5 -8.09 13.68 0.02
C SER A 5 -6.90 12.74 -0.24
N PRO A 6 -6.70 12.29 -1.49
CA PRO A 6 -5.62 11.37 -1.83
C PRO A 6 -4.27 11.87 -1.34
N ALA A 7 -4.02 13.18 -1.42
CA ALA A 7 -2.77 13.81 -0.99
C ALA A 7 -2.34 13.38 0.42
N GLU A 8 -3.33 13.21 1.29
CA GLU A 8 -3.13 12.82 2.68
C GLU A 8 -2.46 11.44 2.72
N LEU A 9 -3.07 10.47 2.03
CA LEU A 9 -2.54 9.12 1.97
C LEU A 9 -1.22 9.09 1.20
N LYS A 10 -1.17 9.90 0.16
CA LYS A 10 -0.01 10.04 -0.69
C LYS A 10 1.19 10.49 0.16
N SER A 11 1.00 11.43 1.08
CA SER A 11 2.08 11.88 1.95
C SER A 11 2.69 10.69 2.72
N ILE A 12 1.83 9.87 3.34
CA ILE A 12 2.29 8.69 4.10
C ILE A 12 2.99 7.72 3.15
N PHE A 13 2.34 7.44 2.01
CA PHE A 13 2.88 6.58 0.97
C PHE A 13 4.30 7.01 0.62
N GLU A 14 4.47 8.30 0.32
CA GLU A 14 5.76 8.89 -0.03
C GLU A 14 6.74 8.69 1.13
N LYS A 15 6.30 8.93 2.37
CA LYS A 15 7.14 8.74 3.55
C LYS A 15 7.76 7.34 3.55
N TYR A 16 6.97 6.32 3.16
CA TYR A 16 7.46 4.94 3.09
C TYR A 16 8.33 4.76 1.85
N ALA A 17 7.76 4.98 0.67
CA ALA A 17 8.42 4.81 -0.61
C ALA A 17 9.79 5.49 -0.65
N ALA A 18 9.89 6.70 -0.13
CA ALA A 18 11.13 7.47 -0.07
C ALA A 18 12.29 6.67 0.51
N LYS A 19 12.04 5.74 1.44
CA LYS A 19 13.10 4.94 2.04
C LYS A 19 13.86 4.14 0.98
N GLU A 20 13.19 3.80 -0.14
CA GLU A 20 13.77 3.06 -1.25
C GLU A 20 14.46 3.99 -2.26
N GLY A 21 14.34 5.31 -2.06
CA GLY A 21 14.91 6.33 -2.91
C GLY A 21 13.77 7.02 -3.65
N ASP A 22 13.29 6.40 -4.73
CA ASP A 22 12.20 6.94 -5.53
C ASP A 22 10.90 6.86 -4.71
N PRO A 23 10.25 7.99 -4.34
CA PRO A 23 9.04 7.96 -3.54
C PRO A 23 7.83 7.62 -4.43
N ASN A 24 7.88 6.50 -5.16
CA ASN A 24 6.82 6.09 -6.08
C ASN A 24 6.33 4.65 -5.91
N GLN A 25 6.92 3.87 -5.00
CA GLN A 25 6.45 2.53 -4.73
C GLN A 25 6.82 2.09 -3.34
N LEU A 26 6.14 1.03 -2.90
CA LEU A 26 6.55 0.30 -1.75
C LEU A 26 7.01 -1.08 -2.22
N SER A 27 8.13 -1.54 -1.67
CA SER A 27 8.66 -2.87 -1.91
C SER A 27 7.77 -3.82 -1.12
N LYS A 28 7.93 -5.14 -1.29
CA LYS A 28 7.18 -6.09 -0.48
C LYS A 28 7.37 -5.77 1.02
N GLU A 29 8.59 -5.42 1.40
CA GLU A 29 8.93 -5.08 2.78
C GLU A 29 8.18 -3.82 3.23
N GLU A 30 8.25 -2.74 2.45
CA GLU A 30 7.59 -1.50 2.83
C GLU A 30 6.06 -1.67 2.81
N LEU A 31 5.51 -2.43 1.85
CA LEU A 31 4.08 -2.68 1.77
C LEU A 31 3.65 -3.43 3.03
N LYS A 32 4.35 -4.51 3.35
CA LYS A 32 4.08 -5.32 4.54
C LYS A 32 3.97 -4.39 5.75
N GLN A 33 4.96 -3.52 5.93
CA GLN A 33 4.94 -2.59 7.05
C GLN A 33 3.69 -1.70 6.95
N LEU A 34 3.49 -1.04 5.79
CA LEU A 34 2.36 -0.17 5.52
C LEU A 34 1.03 -0.76 5.94
N ILE A 35 0.76 -1.97 5.43
CA ILE A 35 -0.45 -2.73 5.69
C ILE A 35 -0.74 -2.77 7.16
N GLN A 36 0.22 -3.35 7.87
CA GLN A 36 0.14 -3.55 9.31
C GLN A 36 -0.06 -2.21 10.03
N ALA A 37 0.68 -1.18 9.63
CA ALA A 37 0.62 0.13 10.25
C ALA A 37 -0.74 0.82 10.07
N GLU A 38 -1.15 1.04 8.81
CA GLU A 38 -2.38 1.76 8.51
C GLU A 38 -3.64 0.90 8.53
N PHE A 39 -3.58 -0.33 8.00
CA PHE A 39 -4.76 -1.17 7.85
C PHE A 39 -4.58 -2.58 8.43
N PRO A 40 -4.39 -2.71 9.75
CA PRO A 40 -4.26 -3.99 10.44
C PRO A 40 -5.62 -4.68 10.50
N SER A 41 -6.15 -5.04 9.34
CA SER A 41 -7.44 -5.66 9.12
C SER A 41 -7.47 -6.41 7.77
N LEU A 42 -6.67 -5.96 6.79
CA LEU A 42 -6.59 -6.57 5.46
C LEU A 42 -5.83 -7.91 5.45
N LEU A 43 -5.96 -8.70 6.52
CA LEU A 43 -5.37 -10.01 6.68
C LEU A 43 -6.51 -11.01 6.55
N LYS A 44 -7.22 -10.95 5.42
CA LYS A 44 -8.39 -11.75 5.14
C LYS A 44 -8.54 -11.98 3.64
N GLY A 45 -9.58 -12.72 3.25
CA GLY A 45 -9.84 -13.04 1.85
C GLY A 45 -8.95 -14.21 1.42
N PRO A 46 -8.90 -14.53 0.12
CA PRO A 46 -8.06 -15.59 -0.40
C PRO A 46 -6.60 -15.30 -0.03
N ARG A 47 -5.85 -16.30 0.45
CA ARG A 47 -4.46 -16.12 0.85
C ARG A 47 -4.40 -15.03 1.92
N THR A 48 -3.80 -13.84 1.70
CA THR A 48 -3.82 -12.79 2.71
C THR A 48 -3.48 -11.40 2.18
N LEU A 49 -2.88 -10.51 2.99
CA LEU A 49 -2.43 -9.20 2.52
C LEU A 49 -1.56 -9.39 1.28
N ASP A 50 -0.76 -10.47 1.37
CA ASP A 50 0.09 -11.05 0.37
C ASP A 50 -0.65 -11.21 -0.98
N ASP A 51 -1.93 -11.57 -0.91
CA ASP A 51 -2.83 -11.75 -2.04
C ASP A 51 -2.95 -10.41 -2.77
N LEU A 52 -3.38 -9.40 -2.03
CA LEU A 52 -3.57 -8.04 -2.52
C LEU A 52 -2.26 -7.60 -3.13
N PHE A 53 -1.18 -7.74 -2.34
CA PHE A 53 0.19 -7.44 -2.75
C PHE A 53 0.41 -7.93 -4.18
N GLN A 54 0.24 -9.22 -4.44
CA GLN A 54 0.47 -9.76 -5.76
C GLN A 54 -0.50 -9.19 -6.80
N GLU A 55 -1.79 -9.06 -6.48
CA GLU A 55 -2.75 -8.47 -7.41
C GLU A 55 -2.30 -7.06 -7.80
N LEU A 56 -1.72 -6.32 -6.86
CA LEU A 56 -1.22 -4.96 -7.03
C LEU A 56 0.07 -4.95 -7.85
N ASP A 57 1.04 -5.80 -7.51
CA ASP A 57 2.33 -5.93 -8.16
C ASP A 57 2.18 -6.46 -9.60
N LYS A 58 1.84 -5.61 -10.56
CA LYS A 58 1.73 -6.01 -11.96
C LYS A 58 3.03 -6.65 -12.47
N ASN A 59 4.17 -6.30 -11.86
CA ASN A 59 5.48 -6.84 -12.24
C ASN A 59 5.70 -8.25 -11.68
N GLY A 60 4.88 -8.70 -10.72
CA GLY A 60 4.99 -10.02 -10.10
C GLY A 60 6.38 -10.30 -9.54
N ASP A 61 6.81 -9.49 -8.56
CA ASP A 61 8.11 -9.61 -7.91
C ASP A 61 7.97 -9.29 -6.42
N GLY A 62 8.03 -8.00 -6.07
CA GLY A 62 7.91 -7.53 -4.70
C GLY A 62 7.76 -6.01 -4.72
N GLU A 63 6.81 -5.51 -5.53
CA GLU A 63 6.57 -4.09 -5.77
C GLU A 63 5.11 -3.70 -5.73
N VAL A 64 4.79 -2.51 -5.22
CA VAL A 64 3.46 -1.93 -5.32
C VAL A 64 3.66 -0.42 -5.49
N SER A 65 3.57 0.04 -6.75
CA SER A 65 3.74 1.42 -7.15
C SER A 65 2.55 2.28 -6.73
N PHE A 66 2.69 3.61 -6.79
CA PHE A 66 1.60 4.52 -6.44
C PHE A 66 0.35 4.20 -7.26
N GLU A 67 0.49 4.14 -8.59
CA GLU A 67 -0.63 3.86 -9.47
C GLU A 67 -1.40 2.61 -9.03
N GLU A 68 -0.68 1.54 -8.67
CA GLU A 68 -1.26 0.29 -8.20
C GLU A 68 -1.89 0.50 -6.83
N PHE A 69 -1.16 1.15 -5.91
CA PHE A 69 -1.57 1.46 -4.54
C PHE A 69 -2.97 2.07 -4.48
N GLN A 70 -3.34 2.89 -5.47
CA GLN A 70 -4.68 3.47 -5.54
C GLN A 70 -5.75 2.37 -5.38
N VAL A 71 -5.52 1.20 -6.00
CA VAL A 71 -6.44 0.08 -5.92
C VAL A 71 -6.47 -0.41 -4.46
N LEU A 72 -5.31 -0.57 -3.81
CA LEU A 72 -5.25 -1.00 -2.42
C LEU A 72 -6.12 -0.06 -1.58
N VAL A 73 -5.94 1.25 -1.77
CA VAL A 73 -6.72 2.26 -1.05
C VAL A 73 -8.21 2.02 -1.30
N LYS A 74 -8.63 1.89 -2.56
CA LYS A 74 -10.02 1.63 -2.88
C LYS A 74 -10.52 0.37 -2.15
N LYS A 75 -9.68 -0.68 -2.09
CA LYS A 75 -10.02 -1.93 -1.43
C LYS A 75 -9.73 -1.95 0.08
N ILE A 76 -9.64 -0.81 0.79
CA ILE A 76 -9.47 -0.83 2.25
C ILE A 76 -10.80 -1.35 2.85
N SER A 77 -10.96 -2.67 2.83
CA SER A 77 -12.15 -3.37 3.29
C SER A 77 -12.10 -3.55 4.80
N GLN A 78 -13.12 -3.02 5.48
CA GLN A 78 -13.23 -3.03 6.93
C GLN A 78 -14.33 -3.99 7.39
N SER A 1 -11.55 8.11 2.67
CA SER A 1 -12.58 8.71 3.53
C SER A 1 -12.03 8.65 4.97
N ALA A 2 -12.62 9.41 5.91
CA ALA A 2 -12.18 9.45 7.30
C ALA A 2 -10.70 9.87 7.35
N GLN A 3 -10.45 11.14 7.04
CA GLN A 3 -9.13 11.77 6.97
C GLN A 3 -8.43 11.36 5.68
N LYS A 4 -8.21 10.06 5.58
CA LYS A 4 -7.56 9.43 4.44
C LYS A 4 -8.24 9.91 3.15
N SER A 5 -7.45 10.56 2.31
CA SER A 5 -7.84 11.16 1.05
C SER A 5 -6.61 11.06 0.14
N PRO A 6 -6.74 11.08 -1.19
CA PRO A 6 -5.62 10.94 -2.12
C PRO A 6 -4.32 11.64 -1.71
N ALA A 7 -4.34 12.97 -1.57
CA ALA A 7 -3.16 13.74 -1.22
C ALA A 7 -2.49 13.27 0.06
N GLU A 8 -3.31 13.08 1.08
CA GLU A 8 -2.90 12.64 2.40
C GLU A 8 -2.27 11.25 2.29
N LEU A 9 -2.97 10.34 1.60
CA LEU A 9 -2.50 8.98 1.39
C LEU A 9 -1.18 8.96 0.67
N LYS A 10 -1.05 9.81 -0.34
CA LYS A 10 0.18 9.97 -1.11
C LYS A 10 1.28 10.41 -0.14
N SER A 11 1.02 11.48 0.63
CA SER A 11 1.98 11.99 1.60
C SER A 11 2.43 10.89 2.57
N ILE A 12 1.51 10.10 3.11
CA ILE A 12 1.86 9.01 4.01
C ILE A 12 2.68 7.96 3.26
N PHE A 13 2.13 7.45 2.16
CA PHE A 13 2.71 6.45 1.26
C PHE A 13 4.17 6.79 0.93
N GLU A 14 4.43 8.05 0.58
CA GLU A 14 5.76 8.52 0.23
C GLU A 14 6.79 8.22 1.32
N LYS A 15 6.39 8.23 2.60
CA LYS A 15 7.32 7.97 3.68
C LYS A 15 7.90 6.56 3.60
N TYR A 16 7.07 5.56 3.28
CA TYR A 16 7.57 4.20 3.16
C TYR A 16 8.26 4.06 1.80
N ALA A 17 7.63 4.52 0.73
CA ALA A 17 8.21 4.43 -0.61
C ALA A 17 9.62 5.03 -0.66
N ALA A 18 9.82 6.19 -0.03
CA ALA A 18 11.10 6.88 0.05
C ALA A 18 12.20 6.05 0.71
N LYS A 19 11.89 4.93 1.37
CA LYS A 19 12.92 4.06 1.93
C LYS A 19 13.77 3.52 0.77
N GLU A 20 13.17 3.40 -0.42
CA GLU A 20 13.85 2.96 -1.63
C GLU A 20 14.13 4.20 -2.48
N GLY A 21 15.08 4.12 -3.42
CA GLY A 21 15.39 5.22 -4.31
C GLY A 21 14.33 5.28 -5.42
N ASP A 22 13.06 5.39 -5.04
CA ASP A 22 11.89 5.41 -5.90
C ASP A 22 10.68 5.82 -5.04
N PRO A 23 10.54 7.10 -4.69
CA PRO A 23 9.47 7.59 -3.81
C PRO A 23 8.09 7.62 -4.49
N ASN A 24 7.76 6.61 -5.31
CA ASN A 24 6.46 6.50 -5.96
C ASN A 24 5.97 5.04 -6.00
N GLN A 25 6.63 4.14 -5.28
CA GLN A 25 6.20 2.75 -5.18
C GLN A 25 6.53 2.15 -3.84
N LEU A 26 5.92 1.00 -3.59
CA LEU A 26 6.23 0.21 -2.43
C LEU A 26 6.57 -1.22 -2.80
N SER A 27 7.70 -1.73 -2.28
CA SER A 27 8.09 -3.11 -2.46
C SER A 27 7.55 -3.91 -1.26
N LYS A 28 7.93 -5.17 -1.17
CA LYS A 28 7.45 -6.10 -0.15
C LYS A 28 7.53 -5.54 1.28
N GLU A 29 8.72 -5.13 1.73
CA GLU A 29 8.93 -4.63 3.08
C GLU A 29 8.05 -3.41 3.37
N GLU A 30 8.16 -2.39 2.51
CA GLU A 30 7.41 -1.16 2.65
C GLU A 30 5.91 -1.46 2.68
N LEU A 31 5.43 -2.31 1.78
CA LEU A 31 4.03 -2.70 1.75
C LEU A 31 3.66 -3.36 3.07
N LYS A 32 4.39 -4.41 3.48
CA LYS A 32 4.14 -5.11 4.73
C LYS A 32 3.95 -4.11 5.86
N GLN A 33 4.94 -3.21 6.02
CA GLN A 33 4.90 -2.18 7.05
C GLN A 33 3.59 -1.41 6.93
N LEU A 34 3.32 -0.87 5.73
CA LEU A 34 2.09 -0.15 5.44
C LEU A 34 0.84 -0.90 5.91
N ILE A 35 0.72 -2.14 5.47
CA ILE A 35 -0.41 -2.99 5.82
C ILE A 35 -0.58 -3.06 7.32
N GLN A 36 0.45 -3.58 7.96
CA GLN A 36 0.49 -3.81 9.40
C GLN A 36 0.15 -2.56 10.21
N ALA A 37 0.77 -1.43 9.86
CA ALA A 37 0.57 -0.18 10.60
C ALA A 37 -0.71 0.56 10.22
N GLU A 38 -0.94 0.75 8.92
CA GLU A 38 -2.03 1.55 8.38
C GLU A 38 -3.36 0.81 8.28
N PHE A 39 -3.38 -0.47 7.90
CA PHE A 39 -4.65 -1.20 7.76
C PHE A 39 -4.47 -2.72 7.75
N PRO A 40 -4.25 -3.37 8.89
CA PRO A 40 -4.09 -4.82 8.97
C PRO A 40 -5.39 -5.59 8.66
N SER A 41 -6.45 -4.89 8.28
CA SER A 41 -7.77 -5.36 7.92
C SER A 41 -7.73 -6.60 7.04
N LEU A 42 -6.76 -6.67 6.11
CA LEU A 42 -6.61 -7.80 5.21
C LEU A 42 -6.55 -9.14 5.97
N LEU A 43 -6.01 -9.14 7.19
CA LEU A 43 -5.90 -10.35 8.00
C LEU A 43 -7.19 -10.70 8.74
N LYS A 44 -8.12 -9.76 8.81
CA LYS A 44 -9.37 -9.92 9.54
C LYS A 44 -10.41 -10.63 8.69
N GLY A 45 -10.11 -11.87 8.28
CA GLY A 45 -11.01 -12.70 7.47
C GLY A 45 -10.39 -13.13 6.15
N PRO A 46 -10.10 -12.20 5.22
CA PRO A 46 -9.51 -12.51 3.92
C PRO A 46 -8.20 -13.29 4.06
N ARG A 47 -7.31 -12.82 4.92
CA ARG A 47 -6.01 -13.45 5.19
C ARG A 47 -5.15 -13.53 3.93
N THR A 48 -5.31 -12.56 3.03
CA THR A 48 -4.50 -12.48 1.82
C THR A 48 -3.10 -12.03 2.18
N LEU A 49 -3.11 -10.80 2.69
CA LEU A 49 -1.99 -9.91 2.94
C LEU A 49 -1.12 -9.77 1.70
N ASP A 50 -0.46 -10.84 1.27
CA ASP A 50 0.44 -10.87 0.14
C ASP A 50 -0.13 -11.20 -1.24
N ASP A 51 -1.21 -11.98 -1.36
CA ASP A 51 -1.75 -12.34 -2.67
C ASP A 51 -2.00 -11.14 -3.59
N LEU A 52 -3.01 -10.32 -3.29
CA LEU A 52 -3.35 -9.17 -4.12
C LEU A 52 -2.19 -8.18 -4.16
N PHE A 53 -1.54 -7.97 -3.02
CA PHE A 53 -0.37 -7.13 -2.82
C PHE A 53 0.67 -7.47 -3.90
N GLN A 54 0.95 -8.77 -4.08
CA GLN A 54 1.88 -9.26 -5.07
C GLN A 54 1.31 -9.02 -6.47
N GLU A 55 0.04 -9.36 -6.68
CA GLU A 55 -0.62 -9.15 -7.98
C GLU A 55 -0.44 -7.69 -8.45
N LEU A 56 -0.55 -6.73 -7.53
CA LEU A 56 -0.40 -5.31 -7.80
C LEU A 56 1.03 -4.89 -8.16
N ASP A 57 2.01 -5.80 -8.17
CA ASP A 57 3.38 -5.48 -8.53
C ASP A 57 3.44 -5.09 -10.01
N LYS A 58 3.63 -3.80 -10.30
CA LYS A 58 3.74 -3.26 -11.65
C LYS A 58 4.71 -4.08 -12.50
N ASN A 59 5.87 -4.43 -11.93
CA ASN A 59 6.92 -5.21 -12.59
C ASN A 59 6.91 -6.68 -12.12
N GLY A 60 5.78 -7.17 -11.60
CA GLY A 60 5.62 -8.54 -11.15
C GLY A 60 6.64 -9.02 -10.10
N ASP A 61 7.27 -8.11 -9.34
CA ASP A 61 8.26 -8.49 -8.34
C ASP A 61 8.44 -7.37 -7.30
N GLY A 62 7.52 -7.29 -6.35
CA GLY A 62 7.55 -6.31 -5.26
C GLY A 62 7.69 -4.87 -5.76
N GLU A 63 6.66 -4.36 -6.43
CA GLU A 63 6.64 -3.01 -6.99
C GLU A 63 5.22 -2.47 -7.13
N VAL A 64 4.55 -2.19 -6.02
CA VAL A 64 3.20 -1.63 -6.07
C VAL A 64 3.37 -0.12 -6.17
N SER A 65 3.25 0.39 -7.40
CA SER A 65 3.36 1.82 -7.64
C SER A 65 2.11 2.52 -7.11
N PHE A 66 2.19 3.84 -6.88
CA PHE A 66 1.01 4.57 -6.41
C PHE A 66 -0.20 4.30 -7.32
N GLU A 67 0.06 4.19 -8.62
CA GLU A 67 -0.92 3.89 -9.66
C GLU A 67 -1.69 2.60 -9.36
N GLU A 68 -1.06 1.62 -8.71
CA GLU A 68 -1.69 0.35 -8.34
C GLU A 68 -2.20 0.42 -6.90
N PHE A 69 -1.45 1.09 -6.02
CA PHE A 69 -1.75 1.27 -4.60
C PHE A 69 -3.22 1.63 -4.37
N GLN A 70 -3.78 2.49 -5.24
CA GLN A 70 -5.17 2.89 -5.15
C GLN A 70 -6.14 1.71 -4.98
N VAL A 71 -5.80 0.51 -5.46
CA VAL A 71 -6.66 -0.67 -5.28
C VAL A 71 -6.85 -0.94 -3.79
N LEU A 72 -5.84 -0.69 -2.96
CA LEU A 72 -5.97 -0.86 -1.51
C LEU A 72 -6.85 0.28 -1.01
N VAL A 73 -6.54 1.51 -1.42
CA VAL A 73 -7.29 2.71 -1.06
C VAL A 73 -8.79 2.53 -1.35
N LYS A 74 -9.12 1.76 -2.39
CA LYS A 74 -10.47 1.45 -2.80
C LYS A 74 -11.36 1.04 -1.61
N LYS A 75 -10.82 0.29 -0.63
CA LYS A 75 -11.60 -0.11 0.54
C LYS A 75 -11.47 0.89 1.70
N ILE A 76 -10.50 1.81 1.63
CA ILE A 76 -10.28 2.84 2.64
C ILE A 76 -11.32 3.94 2.41
N SER A 77 -11.51 4.34 1.16
CA SER A 77 -12.48 5.37 0.81
C SER A 77 -13.81 4.73 0.44
N GLN A 78 -14.87 5.26 1.06
CA GLN A 78 -16.23 4.77 0.95
C GLN A 78 -17.17 5.99 0.95
N SER A 1 -12.71 8.65 3.37
CA SER A 1 -12.89 10.11 3.30
C SER A 1 -12.88 10.68 4.70
N ALA A 2 -12.02 11.67 4.98
CA ALA A 2 -11.81 12.31 6.28
C ALA A 2 -11.09 11.29 7.15
N GLN A 3 -11.78 10.20 7.50
CA GLN A 3 -11.19 9.08 8.20
C GLN A 3 -10.46 8.35 7.07
N LYS A 4 -9.24 8.82 6.77
CA LYS A 4 -8.37 8.40 5.69
C LYS A 4 -8.96 8.82 4.33
N SER A 5 -8.15 9.53 3.55
CA SER A 5 -8.48 10.02 2.22
C SER A 5 -7.22 9.90 1.36
N PRO A 6 -7.35 9.96 0.03
CA PRO A 6 -6.24 9.80 -0.90
C PRO A 6 -4.95 10.50 -0.50
N ALA A 7 -5.00 11.82 -0.27
CA ALA A 7 -3.80 12.60 0.07
C ALA A 7 -3.00 12.02 1.23
N GLU A 8 -3.71 11.69 2.30
CA GLU A 8 -3.11 11.12 3.51
C GLU A 8 -2.43 9.81 3.14
N LEU A 9 -3.18 8.91 2.50
CA LEU A 9 -2.68 7.60 2.10
C LEU A 9 -1.47 7.72 1.18
N LYS A 10 -1.54 8.70 0.28
CA LYS A 10 -0.51 9.03 -0.68
C LYS A 10 0.73 9.50 0.08
N SER A 11 0.56 10.36 1.09
CA SER A 11 1.68 10.85 1.90
C SER A 11 2.34 9.68 2.62
N ILE A 12 1.54 8.84 3.29
CA ILE A 12 2.03 7.67 4.01
C ILE A 12 2.82 6.78 3.04
N PHE A 13 2.21 6.50 1.89
CA PHE A 13 2.82 5.72 0.82
C PHE A 13 4.18 6.31 0.43
N GLU A 14 4.21 7.61 0.07
CA GLU A 14 5.41 8.31 -0.32
C GLU A 14 6.49 8.20 0.74
N LYS A 15 6.13 8.40 2.02
CA LYS A 15 7.07 8.31 3.12
C LYS A 15 7.86 7.00 3.07
N TYR A 16 7.20 5.88 2.80
CA TYR A 16 7.88 4.59 2.73
C TYR A 16 8.59 4.46 1.38
N ALA A 17 7.86 4.68 0.28
CA ALA A 17 8.38 4.56 -1.07
C ALA A 17 9.73 5.30 -1.20
N ALA A 18 9.80 6.52 -0.67
CA ALA A 18 11.00 7.34 -0.69
C ALA A 18 12.22 6.59 -0.16
N LYS A 19 12.06 5.74 0.87
CA LYS A 19 13.15 4.99 1.46
C LYS A 19 13.82 4.08 0.42
N GLU A 20 13.08 3.66 -0.60
CA GLU A 20 13.59 2.80 -1.66
C GLU A 20 14.39 3.62 -2.69
N GLY A 21 14.29 4.96 -2.64
CA GLY A 21 14.96 5.86 -3.55
C GLY A 21 13.96 6.39 -4.59
N ASP A 22 13.02 5.55 -5.00
CA ASP A 22 11.97 5.85 -5.96
C ASP A 22 10.65 6.11 -5.21
N PRO A 23 10.28 7.38 -4.93
CA PRO A 23 9.07 7.71 -4.18
C PRO A 23 7.80 7.55 -5.02
N ASN A 24 7.59 6.37 -5.62
CA ASN A 24 6.42 6.09 -6.43
C ASN A 24 5.95 4.64 -6.34
N GLN A 25 6.53 3.83 -5.44
CA GLN A 25 6.13 2.45 -5.23
C GLN A 25 6.54 1.99 -3.85
N LEU A 26 5.89 0.93 -3.36
CA LEU A 26 6.36 0.28 -2.16
C LEU A 26 6.48 -1.24 -2.38
N SER A 27 7.61 -1.81 -1.97
CA SER A 27 7.89 -3.23 -2.04
C SER A 27 7.15 -3.94 -0.90
N LYS A 28 7.13 -5.28 -0.90
CA LYS A 28 6.47 -6.10 0.12
C LYS A 28 6.75 -5.64 1.56
N GLU A 29 8.01 -5.28 1.84
CA GLU A 29 8.42 -4.82 3.16
C GLU A 29 7.68 -3.53 3.54
N GLU A 30 7.61 -2.60 2.59
CA GLU A 30 6.97 -1.31 2.80
C GLU A 30 5.44 -1.48 2.84
N LEU A 31 4.89 -2.36 1.99
CA LEU A 31 3.47 -2.67 2.02
C LEU A 31 3.16 -3.18 3.43
N LYS A 32 3.92 -4.20 3.88
CA LYS A 32 3.77 -4.76 5.21
C LYS A 32 3.79 -3.64 6.24
N GLN A 33 4.81 -2.77 6.23
CA GLN A 33 4.84 -1.69 7.21
C GLN A 33 3.55 -0.85 7.13
N LEU A 34 3.10 -0.47 5.93
CA LEU A 34 1.83 0.25 5.77
C LEU A 34 0.69 -0.45 6.50
N ILE A 35 0.52 -1.73 6.17
CA ILE A 35 -0.53 -2.56 6.74
C ILE A 35 -0.44 -2.65 8.26
N GLN A 36 0.75 -2.94 8.74
CA GLN A 36 1.05 -3.09 10.16
C GLN A 36 0.81 -1.78 10.91
N ALA A 37 1.07 -0.64 10.24
CA ALA A 37 0.82 0.66 10.83
C ALA A 37 -0.68 0.93 10.91
N GLU A 38 -1.42 0.67 9.83
CA GLU A 38 -2.85 0.96 9.79
C GLU A 38 -3.78 -0.07 10.45
N PHE A 39 -3.72 -1.36 10.09
CA PHE A 39 -4.68 -2.35 10.61
C PHE A 39 -4.24 -3.81 10.43
N PRO A 40 -3.19 -4.26 11.13
CA PRO A 40 -2.73 -5.64 11.08
C PRO A 40 -3.82 -6.62 11.52
N SER A 41 -4.66 -6.14 12.41
CA SER A 41 -5.80 -6.78 13.00
C SER A 41 -6.81 -7.23 11.93
N LEU A 42 -6.90 -6.47 10.82
CA LEU A 42 -7.81 -6.79 9.74
C LEU A 42 -7.10 -7.74 8.79
N LEU A 43 -6.08 -7.26 8.07
CA LEU A 43 -5.37 -8.07 7.10
C LEU A 43 -4.37 -9.01 7.77
N LYS A 44 -4.87 -9.96 8.55
CA LYS A 44 -4.04 -10.94 9.23
C LYS A 44 -3.44 -11.90 8.20
N GLY A 45 -2.22 -11.62 7.75
CA GLY A 45 -1.43 -12.42 6.81
C GLY A 45 -2.28 -13.08 5.71
N PRO A 46 -2.65 -14.36 5.85
CA PRO A 46 -3.53 -15.08 4.93
C PRO A 46 -4.72 -14.25 4.45
N ARG A 47 -5.29 -13.41 5.32
CA ARG A 47 -6.40 -12.54 4.96
C ARG A 47 -5.84 -11.36 4.15
N THR A 48 -5.36 -11.69 2.95
CA THR A 48 -4.73 -10.85 1.96
C THR A 48 -3.88 -9.69 2.47
N LEU A 49 -2.82 -10.01 3.20
CA LEU A 49 -1.84 -8.98 3.51
C LEU A 49 -0.96 -8.80 2.27
N ASP A 50 -0.97 -9.76 1.32
CA ASP A 50 -0.15 -9.64 0.11
C ASP A 50 -0.63 -10.42 -1.12
N ASP A 51 -1.51 -11.40 -1.02
CA ASP A 51 -1.97 -12.17 -2.19
C ASP A 51 -2.30 -11.31 -3.41
N LEU A 52 -3.16 -10.30 -3.27
CA LEU A 52 -3.49 -9.43 -4.41
C LEU A 52 -2.39 -8.39 -4.64
N PHE A 53 -1.70 -7.98 -3.56
CA PHE A 53 -0.60 -7.03 -3.60
C PHE A 53 0.43 -7.55 -4.60
N GLN A 54 0.71 -8.86 -4.55
CA GLN A 54 1.62 -9.56 -5.44
C GLN A 54 1.24 -9.33 -6.91
N GLU A 55 -0.05 -9.16 -7.21
CA GLU A 55 -0.51 -8.88 -8.57
C GLU A 55 -0.24 -7.41 -8.85
N LEU A 56 -0.58 -6.52 -7.91
CA LEU A 56 -0.33 -5.09 -8.02
C LEU A 56 1.16 -4.79 -8.22
N ASP A 57 2.04 -5.65 -7.67
CA ASP A 57 3.50 -5.61 -7.70
C ASP A 57 4.18 -5.60 -9.08
N LYS A 58 3.44 -5.31 -10.16
CA LYS A 58 3.89 -5.26 -11.56
C LYS A 58 4.71 -6.49 -12.01
N ASN A 59 5.95 -6.64 -11.51
CA ASN A 59 6.85 -7.74 -11.83
C ASN A 59 6.73 -8.87 -10.81
N GLY A 60 6.46 -8.56 -9.53
CA GLY A 60 6.30 -9.56 -8.48
C GLY A 60 7.36 -9.53 -7.36
N ASP A 61 8.57 -9.03 -7.62
CA ASP A 61 9.65 -9.03 -6.64
C ASP A 61 9.54 -8.01 -5.50
N GLY A 62 8.65 -7.02 -5.60
CA GLY A 62 8.46 -5.98 -4.59
C GLY A 62 8.37 -4.60 -5.24
N GLU A 63 7.22 -4.24 -5.80
CA GLU A 63 6.98 -2.98 -6.50
C GLU A 63 5.50 -2.62 -6.64
N VAL A 64 4.75 -2.37 -5.56
CA VAL A 64 3.38 -1.93 -5.74
C VAL A 64 3.45 -0.43 -6.00
N SER A 65 3.48 -0.09 -7.28
CA SER A 65 3.57 1.26 -7.80
C SER A 65 2.28 2.01 -7.53
N PHE A 66 2.34 3.35 -7.38
CA PHE A 66 1.17 4.15 -7.06
C PHE A 66 -0.08 3.80 -7.88
N GLU A 67 0.06 3.76 -9.21
CA GLU A 67 -1.02 3.46 -10.13
C GLU A 67 -1.68 2.10 -9.88
N GLU A 68 -1.00 1.18 -9.18
CA GLU A 68 -1.55 -0.12 -8.82
C GLU A 68 -2.07 -0.02 -7.37
N PHE A 69 -1.21 0.50 -6.48
CA PHE A 69 -1.48 0.73 -5.07
C PHE A 69 -2.85 1.36 -4.86
N GLN A 70 -3.22 2.32 -5.72
CA GLN A 70 -4.50 2.99 -5.65
C GLN A 70 -5.67 2.03 -5.40
N VAL A 71 -5.62 0.80 -5.92
CA VAL A 71 -6.67 -0.20 -5.71
C VAL A 71 -6.93 -0.37 -4.21
N LEU A 72 -5.87 -0.41 -3.39
CA LEU A 72 -6.00 -0.53 -1.95
C LEU A 72 -6.57 0.80 -1.43
N VAL A 73 -5.89 1.90 -1.78
CA VAL A 73 -6.26 3.26 -1.35
C VAL A 73 -7.77 3.52 -1.46
N LYS A 74 -8.33 3.26 -2.63
CA LYS A 74 -9.74 3.46 -2.93
C LYS A 74 -10.60 2.77 -1.86
N LYS A 75 -10.26 1.53 -1.50
CA LYS A 75 -11.00 0.80 -0.50
C LYS A 75 -10.79 1.45 0.87
N ILE A 76 -9.53 1.66 1.29
CA ILE A 76 -9.26 2.23 2.61
C ILE A 76 -10.05 3.52 2.82
N SER A 77 -10.00 4.41 1.82
CA SER A 77 -10.65 5.70 1.89
C SER A 77 -12.13 5.69 1.52
N GLN A 78 -12.70 4.51 1.27
CA GLN A 78 -14.12 4.37 1.04
C GLN A 78 -14.58 5.11 -0.23
#